data_2IE1
# 
_entry.id   2IE1 
# 
_audit_conform.dict_name       mmcif_pdbx.dic 
_audit_conform.dict_version    5.381 
_audit_conform.dict_location   http://mmcif.pdb.org/dictionaries/ascii/mmcif_pdbx.dic 
# 
loop_
_database_2.database_id 
_database_2.database_code 
_database_2.pdbx_database_accession 
_database_2.pdbx_DOI 
PDB   2IE1         pdb_00002ie1 10.2210/pdb2ie1/pdb 
NDB   ZD0022       ?            ?                   
RCSB  RCSB039466   ?            ?                   
WWPDB D_1000039466 ?            ?                   
# 
loop_
_pdbx_database_related.db_name 
_pdbx_database_related.db_id 
_pdbx_database_related.details 
_pdbx_database_related.content_type 
PDB 1dj6 'Deoxy nucleic acid and polyamine complex' unspecified 
PDB 292d 'Deoxy nucleic acid and polyamine complex' unspecified 
PDB 293d 'Deoxy nucleic acid and polyamine complex' unspecified 
PDB 336d 'Deoxy nucleic acid and polyamine complex' unspecified 
PDB 2HYH 'Deoxy nucleic acid and polyamine complex' unspecified 
PDB 2DY6 'Deoxy nucleic acid and polyamine complex' unspecified 
PDB 1pe6 'Hydrolase (sulfhydryl Proteinase)'        unspecified 
PDB 1pip 'Hydrolase(thiol Protease)'                unspecified 
# 
_pdbx_database_status.status_code                     REL 
_pdbx_database_status.entry_id                        2IE1 
_pdbx_database_status.recvd_initial_deposition_date   2006-09-16 
_pdbx_database_status.deposit_site                    RCSB 
_pdbx_database_status.process_site                    PDBJ 
_pdbx_database_status.status_code_sf                  REL 
_pdbx_database_status.status_code_mr                  ? 
_pdbx_database_status.SG_entry                        ? 
_pdbx_database_status.pdb_format_compatible           Y 
_pdbx_database_status.status_code_cs                  ? 
_pdbx_database_status.status_code_nmr_data            ? 
_pdbx_database_status.methods_development_category    ? 
# 
loop_
_audit_author.name 
_audit_author.pdbx_ordinal 
'Ohishi, H.'      1  
'Odoko, M.'       2  
'Tsukamoto, K.'   3  
'Hiyama, Y.'      4  
'Maezaki, N.'     5  
'Grzeskowiak, K.' 6  
'Ishida, T.'      7  
'Tanaka, T.'      8  
'Okabe, N.'       9  
'Fukuyama, K.'    10 
# 
_citation.id                        primary 
_citation.title                     
'Polyamines stabilize left-handed Z-DNA. We found new type of polyamine which stabilize left-handed Z-DNA by X-ray crystallography' 
_citation.journal_abbrev            'To be Published' 
_citation.journal_volume            ? 
_citation.page_first                ? 
_citation.page_last                 ? 
_citation.year                      ? 
_citation.journal_id_ASTM           ? 
_citation.country                   ? 
_citation.journal_id_ISSN           ? 
_citation.journal_id_CSD            0353 
_citation.book_publisher            ? 
_citation.pdbx_database_id_PubMed   ? 
_citation.pdbx_database_id_DOI      ? 
# 
loop_
_citation_author.citation_id 
_citation_author.name 
_citation_author.ordinal 
_citation_author.identifier_ORCID 
primary 'Ohishi, H.'      1  ? 
primary 'Odoko, M.'       2  ? 
primary 'Tsukamoto, K.'   3  ? 
primary 'Hiyama, Y.'      4  ? 
primary 'Maezaki, N.'     5  ? 
primary 'Grzeskowiak, K.' 6  ? 
primary 'Ishida, T.'      7  ? 
primary 'Tanaka, T.'      8  ? 
primary 'Okabe, N.'       9  ? 
primary 'Fukuyama, K.'    10 ? 
# 
_cell.entry_id           2IE1 
_cell.length_a           17.64 
_cell.length_b           30.38 
_cell.length_c           43.63 
_cell.angle_alpha        90.00 
_cell.angle_beta         90.00 
_cell.angle_gamma        90.00 
_cell.Z_PDB              8 
_cell.pdbx_unique_axis   ? 
_cell.length_a_esd       ? 
_cell.length_b_esd       ? 
_cell.length_c_esd       ? 
_cell.angle_alpha_esd    ? 
_cell.angle_beta_esd     ? 
_cell.angle_gamma_esd    ? 
# 
_symmetry.entry_id                         2IE1 
_symmetry.space_group_name_H-M             'P 21 21 21' 
_symmetry.pdbx_full_space_group_name_H-M   ? 
_symmetry.cell_setting                     ? 
_symmetry.Int_Tables_number                19 
_symmetry.space_group_name_Hall            ? 
# 
loop_
_entity.id 
_entity.type 
_entity.src_method 
_entity.pdbx_description 
_entity.formula_weight 
_entity.pdbx_number_of_molecules 
_entity.pdbx_ec 
_entity.pdbx_mutation 
_entity.pdbx_fragment 
_entity.details 
1 polymer     syn 
;DNA (5'-D(*DCP*DGP*DCP*DGP*DCP*DG)-3')
;
1810.205 2  ? ? ? ? 
2 non-polymer syn "N-(2-AMINOETHYL)-N'-{2-[(2-AMINOETHYL)AMINO]ETHYL}ETHANE-1,2-DIAMINE" 189.302  2  ? ? ? ? 
3 water       nat water                                                                  18.015   55 ? ? ? ? 
# 
_entity_poly.entity_id                      1 
_entity_poly.type                           polydeoxyribonucleotide 
_entity_poly.nstd_linkage                   no 
_entity_poly.nstd_monomer                   no 
_entity_poly.pdbx_seq_one_letter_code       '(DC)(DG)(DC)(DG)(DC)(DG)' 
_entity_poly.pdbx_seq_one_letter_code_can   CGCGCG 
_entity_poly.pdbx_strand_id                 A,B 
_entity_poly.pdbx_target_identifier         ? 
# 
loop_
_entity_poly_seq.entity_id 
_entity_poly_seq.num 
_entity_poly_seq.mon_id 
_entity_poly_seq.hetero 
1 1 DC n 
1 2 DG n 
1 3 DC n 
1 4 DG n 
1 5 DC n 
1 6 DG n 
# 
_pdbx_entity_src_syn.entity_id              1 
_pdbx_entity_src_syn.pdbx_src_id            1 
_pdbx_entity_src_syn.pdbx_alt_source_flag   sample 
_pdbx_entity_src_syn.pdbx_beg_seq_num       ? 
_pdbx_entity_src_syn.pdbx_end_seq_num       ? 
_pdbx_entity_src_syn.organism_scientific    'Homo sapiens' 
_pdbx_entity_src_syn.organism_common_name   ? 
_pdbx_entity_src_syn.ncbi_taxonomy_id       9606 
_pdbx_entity_src_syn.details                ? 
# 
_struct_ref.id                         1 
_struct_ref.entity_id                  1 
_struct_ref.db_name                    PDB 
_struct_ref.db_code                    2IE1 
_struct_ref.pdbx_db_accession          2IE1 
_struct_ref.pdbx_db_isoform            ? 
_struct_ref.pdbx_seq_one_letter_code   ? 
_struct_ref.pdbx_align_begin           ? 
# 
loop_
_struct_ref_seq.align_id 
_struct_ref_seq.ref_id 
_struct_ref_seq.pdbx_PDB_id_code 
_struct_ref_seq.pdbx_strand_id 
_struct_ref_seq.seq_align_beg 
_struct_ref_seq.pdbx_seq_align_beg_ins_code 
_struct_ref_seq.seq_align_end 
_struct_ref_seq.pdbx_seq_align_end_ins_code 
_struct_ref_seq.pdbx_db_accession 
_struct_ref_seq.db_align_beg 
_struct_ref_seq.pdbx_db_align_beg_ins_code 
_struct_ref_seq.db_align_end 
_struct_ref_seq.pdbx_db_align_end_ins_code 
_struct_ref_seq.pdbx_auth_seq_align_beg 
_struct_ref_seq.pdbx_auth_seq_align_end 
1 1 2IE1 A 1 ? 6 ? 2IE1 1 ? 6  ? 1 6  
2 1 2IE1 B 1 ? 6 ? 2IE1 7 ? 12 ? 7 12 
# 
loop_
_chem_comp.id 
_chem_comp.type 
_chem_comp.mon_nstd_flag 
_chem_comp.name 
_chem_comp.pdbx_synonyms 
_chem_comp.formula 
_chem_comp.formula_weight 
DC  'DNA linking' y "2'-DEOXYCYTIDINE-5'-MONOPHOSPHATE"                                    ? 'C9 H14 N3 O7 P'  307.197 
DG  'DNA linking' y "2'-DEOXYGUANOSINE-5'-MONOPHOSPHATE"                                   ? 'C10 H14 N5 O7 P' 347.221 
HOH non-polymer   . WATER                                                                  ? 'H2 O'            18.015  
PAW non-polymer   . "N-(2-AMINOETHYL)-N'-{2-[(2-AMINOETHYL)AMINO]ETHYL}ETHANE-1,2-DIAMINE" 
'N1-{2-[2-(2-AMINO-ETHYLAMINO)-ETHYLAMINO]-ETHYL}-ETHANE-1,2-DIAMINE' 'C8 H23 N5'       189.302 
# 
_exptl.entry_id          2IE1 
_exptl.method            'X-RAY DIFFRACTION' 
_exptl.crystals_number   1 
# 
_exptl_crystal.id                    1 
_exptl_crystal.density_meas          ? 
_exptl_crystal.density_Matthews      1.533237 
_exptl_crystal.density_percent_sol   23.82 
_exptl_crystal.description           ? 
_exptl_crystal.F_000                 ? 
_exptl_crystal.preparation           ? 
# 
_exptl_crystal_grow.crystal_id      1 
_exptl_crystal_grow.method          'VAPOR DIFFUSION, SITTING DROP' 
_exptl_crystal_grow.temp            277 
_exptl_crystal_grow.temp_details    ? 
_exptl_crystal_grow.pH              7.0 
_exptl_crystal_grow.pdbx_details    'pH 7.0, VAPOR DIFFUSION, SITTING DROP, temperature 277K' 
_exptl_crystal_grow.pdbx_pH_range   . 
# 
_diffrn.id                     1 
_diffrn.ambient_temp           95 
_diffrn.ambient_temp_details   ? 
_diffrn.crystal_id             1 
# 
_diffrn_detector.diffrn_id              1 
_diffrn_detector.detector               CCD 
_diffrn_detector.type                   'ADSC QUANTUM 210' 
_diffrn_detector.pdbx_collection_date   2005-06-28 
_diffrn_detector.details                monochro 
# 
_diffrn_radiation.diffrn_id                        1 
_diffrn_radiation.wavelength_id                    1 
_diffrn_radiation.pdbx_monochromatic_or_laue_m_l   M 
_diffrn_radiation.monochromator                    Ni 
_diffrn_radiation.pdbx_diffrn_protocol             'SINGLE WAVELENGTH' 
_diffrn_radiation.pdbx_scattering_type             x-ray 
# 
_diffrn_radiation_wavelength.id           1 
_diffrn_radiation_wavelength.wavelength   1.0 
_diffrn_radiation_wavelength.wt           1.0 
# 
_diffrn_source.diffrn_id                   1 
_diffrn_source.source                      SYNCHROTRON 
_diffrn_source.type                        'PHOTON FACTORY BEAMLINE BL-6A' 
_diffrn_source.pdbx_synchrotron_site       'Photon Factory' 
_diffrn_source.pdbx_synchrotron_beamline   BL-6A 
_diffrn_source.pdbx_wavelength             ? 
_diffrn_source.pdbx_wavelength_list        1.0 
# 
_reflns.entry_id                     2IE1 
_reflns.observed_criterion_sigma_F   2.0 
_reflns.observed_criterion_sigma_I   4.0 
_reflns.d_resolution_high            1.6 
_reflns.d_resolution_low             20.0 
_reflns.number_all                   3346 
_reflns.number_obs                   3249 
_reflns.percent_possible_obs         97.1 
_reflns.pdbx_Rmerge_I_obs            0.055 
_reflns.pdbx_Rsym_value              0.047 
_reflns.pdbx_netI_over_sigmaI        6400 
_reflns.B_iso_Wilson_estimate        8.8 
_reflns.pdbx_redundancy              4.8 
_reflns.R_free_details               ? 
_reflns.pdbx_chi_squared             ? 
_reflns.pdbx_scaling_rejects         ? 
_reflns.pdbx_diffrn_id               1 
_reflns.pdbx_ordinal                 1 
# 
_reflns_shell.d_res_high             1.6 
_reflns_shell.d_res_low              ? 
_reflns_shell.percent_possible_all   97.1 
_reflns_shell.Rmerge_I_obs           0.055 
_reflns_shell.pdbx_Rsym_value        0.047 
_reflns_shell.meanI_over_sigI_obs    6400 
_reflns_shell.pdbx_redundancy        4.8 
_reflns_shell.percent_possible_obs   ? 
_reflns_shell.number_unique_all      3346 
_reflns_shell.number_measured_all    ? 
_reflns_shell.number_measured_obs    ? 
_reflns_shell.number_unique_obs      ? 
_reflns_shell.pdbx_chi_squared       ? 
_reflns_shell.pdbx_diffrn_id         ? 
_reflns_shell.pdbx_ordinal           1 
# 
_refine.entry_id                                 2IE1 
_refine.ls_d_res_high                            1.6 
_refine.ls_d_res_low                             20 
_refine.pdbx_ls_sigma_F                          2.0 
_refine.pdbx_ls_sigma_I                          4.0 
_refine.ls_number_reflns_all                     3346 
_refine.ls_number_reflns_obs                     3249 
_refine.ls_number_reflns_R_free                  320 
_refine.ls_percent_reflns_obs                    97.1 
_refine.ls_R_factor_all                          0.204 
_refine.ls_R_factor_obs                          0.202 
_refine.ls_R_factor_R_work                       0.19 
_refine.ls_R_factor_R_free                       0.205 
_refine.ls_redundancy_reflns_obs                 ? 
_refine.pdbx_data_cutoff_high_absF               ? 
_refine.pdbx_data_cutoff_low_absF                ? 
_refine.ls_number_parameters                     ? 
_refine.ls_number_restraints                     ? 
_refine.ls_percent_reflns_R_free                 ? 
_refine.ls_R_factor_R_free_error                 ? 
_refine.ls_R_factor_R_free_error_details         ? 
_refine.pdbx_method_to_determine_struct          'MOLECULAR REPLACEMENT' 
_refine.pdbx_starting_model                      '1dj6 in PDB' 
_refine.pdbx_ls_cross_valid_method               ? 
_refine.pdbx_R_Free_selection_details            random 
_refine.pdbx_stereochem_target_val_spec_case     ? 
_refine.pdbx_stereochemistry_target_values       'Engh & Huber' 
_refine.solvent_model_details                    ? 
_refine.solvent_model_param_bsol                 ? 
_refine.solvent_model_param_ksol                 ? 
_refine.occupancy_max                            ? 
_refine.occupancy_min                            ? 
_refine.pdbx_isotropic_thermal_model             Isotropic 
_refine.B_iso_mean                               8.8 
_refine.aniso_B[1][1]                            ? 
_refine.aniso_B[1][2]                            ? 
_refine.aniso_B[1][3]                            ? 
_refine.aniso_B[2][2]                            ? 
_refine.aniso_B[2][3]                            ? 
_refine.aniso_B[3][3]                            ? 
_refine.details                                  ? 
_refine.correlation_coeff_Fo_to_Fc               ? 
_refine.correlation_coeff_Fo_to_Fc_free          ? 
_refine.pdbx_solvent_vdw_probe_radii             ? 
_refine.pdbx_solvent_ion_probe_radii             ? 
_refine.pdbx_solvent_shrinkage_radii             ? 
_refine.overall_SU_R_Cruickshank_DPI             ? 
_refine.overall_SU_R_free                        ? 
_refine.overall_SU_ML                            ? 
_refine.overall_SU_B                             ? 
_refine.pdbx_overall_ESU_R_Free                  ? 
_refine.pdbx_data_cutoff_high_rms_absF           ? 
_refine.pdbx_overall_ESU_R                       ? 
_refine.ls_wR_factor_R_free                      ? 
_refine.ls_wR_factor_R_work                      ? 
_refine.overall_FOM_free_R_set                   ? 
_refine.overall_FOM_work_R_set                   ? 
_refine.pdbx_refine_id                           'X-RAY DIFFRACTION' 
_refine.pdbx_diffrn_id                           1 
_refine.pdbx_TLS_residual_ADP_flag               ? 
_refine.pdbx_overall_phase_error                 ? 
_refine.pdbx_overall_SU_R_free_Cruickshank_DPI   ? 
_refine.pdbx_overall_SU_R_Blow_DPI               ? 
_refine.pdbx_overall_SU_R_free_Blow_DPI          ? 
# 
_refine_hist.pdbx_refine_id                   'X-RAY DIFFRACTION' 
_refine_hist.cycle_id                         LAST 
_refine_hist.pdbx_number_atoms_protein        0 
_refine_hist.pdbx_number_atoms_nucleic_acid   274 
_refine_hist.pdbx_number_atoms_ligand         82 
_refine_hist.number_atoms_solvent             165 
_refine_hist.number_atoms_total               521 
_refine_hist.d_res_high                       1.6 
_refine_hist.d_res_low                        20 
# 
_struct.entry_id                  2IE1 
_struct.title                     
'Polyamines stabilize left-handed Z-DNA. We found new type of polyamine which stabilize left-handed Z-DNA by X-ray crystallography' 
_struct.pdbx_model_details        ? 
_struct.pdbx_CASP_flag            ? 
_struct.pdbx_model_type_details   ? 
# 
_struct_keywords.entry_id        2IE1 
_struct_keywords.pdbx_keywords   DNA 
_struct_keywords.text            
;deoxy nucleic acid, d(CGCGCG)2, Z-DNA, N1-{2-[2-(2-Amino-ethylamino)-ethylamino]-ethyl}-ethane-1, 2-diamine, PA(2222), polyamine, metal free crystal structure, DNA
;
# 
loop_
_struct_asym.id 
_struct_asym.pdbx_blank_PDB_chainid_flag 
_struct_asym.pdbx_modified 
_struct_asym.entity_id 
_struct_asym.details 
A N N 1 ? 
B N N 1 ? 
C N N 2 ? 
D N N 2 ? 
E N N 3 ? 
F N N 3 ? 
# 
loop_
_struct_conn.id 
_struct_conn.conn_type_id 
_struct_conn.pdbx_leaving_atom_flag 
_struct_conn.pdbx_PDB_id 
_struct_conn.ptnr1_label_asym_id 
_struct_conn.ptnr1_label_comp_id 
_struct_conn.ptnr1_label_seq_id 
_struct_conn.ptnr1_label_atom_id 
_struct_conn.pdbx_ptnr1_label_alt_id 
_struct_conn.pdbx_ptnr1_PDB_ins_code 
_struct_conn.pdbx_ptnr1_standard_comp_id 
_struct_conn.ptnr1_symmetry 
_struct_conn.ptnr2_label_asym_id 
_struct_conn.ptnr2_label_comp_id 
_struct_conn.ptnr2_label_seq_id 
_struct_conn.ptnr2_label_atom_id 
_struct_conn.pdbx_ptnr2_label_alt_id 
_struct_conn.pdbx_ptnr2_PDB_ins_code 
_struct_conn.ptnr1_auth_asym_id 
_struct_conn.ptnr1_auth_comp_id 
_struct_conn.ptnr1_auth_seq_id 
_struct_conn.ptnr2_auth_asym_id 
_struct_conn.ptnr2_auth_comp_id 
_struct_conn.ptnr2_auth_seq_id 
_struct_conn.ptnr2_symmetry 
_struct_conn.pdbx_ptnr3_label_atom_id 
_struct_conn.pdbx_ptnr3_label_seq_id 
_struct_conn.pdbx_ptnr3_label_comp_id 
_struct_conn.pdbx_ptnr3_label_asym_id 
_struct_conn.pdbx_ptnr3_label_alt_id 
_struct_conn.pdbx_ptnr3_PDB_ins_code 
_struct_conn.details 
_struct_conn.pdbx_dist_value 
_struct_conn.pdbx_value_order 
_struct_conn.pdbx_role 
hydrog1  hydrog ? ? A DC 1 N3 ? ? ? 1_555 B DG 6 N1 ? ? A DC 1 B DG 12 1_555 ? ? ? ? ? ? WATSON-CRICK ? ? ? 
hydrog2  hydrog ? ? A DC 1 N4 ? ? ? 1_555 B DG 6 O6 ? ? A DC 1 B DG 12 1_555 ? ? ? ? ? ? WATSON-CRICK ? ? ? 
hydrog3  hydrog ? ? A DC 1 O2 ? ? ? 1_555 B DG 6 N2 ? ? A DC 1 B DG 12 1_555 ? ? ? ? ? ? WATSON-CRICK ? ? ? 
hydrog4  hydrog ? ? A DG 2 N1 ? ? ? 1_555 B DC 5 N3 ? ? A DG 2 B DC 11 1_555 ? ? ? ? ? ? WATSON-CRICK ? ? ? 
hydrog5  hydrog ? ? A DG 2 N2 ? ? ? 1_555 B DC 5 O2 ? ? A DG 2 B DC 11 1_555 ? ? ? ? ? ? WATSON-CRICK ? ? ? 
hydrog6  hydrog ? ? A DG 2 O6 ? ? ? 1_555 B DC 5 N4 ? ? A DG 2 B DC 11 1_555 ? ? ? ? ? ? WATSON-CRICK ? ? ? 
hydrog7  hydrog ? ? A DC 3 N3 ? ? ? 1_555 B DG 4 N1 ? ? A DC 3 B DG 10 1_555 ? ? ? ? ? ? WATSON-CRICK ? ? ? 
hydrog8  hydrog ? ? A DC 3 N4 ? ? ? 1_555 B DG 4 O6 ? ? A DC 3 B DG 10 1_555 ? ? ? ? ? ? WATSON-CRICK ? ? ? 
hydrog9  hydrog ? ? A DC 3 O2 ? ? ? 1_555 B DG 4 N2 ? ? A DC 3 B DG 10 1_555 ? ? ? ? ? ? WATSON-CRICK ? ? ? 
hydrog10 hydrog ? ? A DG 4 N1 ? ? ? 1_555 B DC 3 N3 ? ? A DG 4 B DC 9  1_555 ? ? ? ? ? ? WATSON-CRICK ? ? ? 
hydrog11 hydrog ? ? A DG 4 N2 ? ? ? 1_555 B DC 3 O2 ? ? A DG 4 B DC 9  1_555 ? ? ? ? ? ? WATSON-CRICK ? ? ? 
hydrog12 hydrog ? ? A DG 4 O6 ? ? ? 1_555 B DC 3 N4 ? ? A DG 4 B DC 9  1_555 ? ? ? ? ? ? WATSON-CRICK ? ? ? 
hydrog13 hydrog ? ? A DC 5 N3 ? ? ? 1_555 B DG 2 N1 ? ? A DC 5 B DG 8  1_555 ? ? ? ? ? ? WATSON-CRICK ? ? ? 
hydrog14 hydrog ? ? A DC 5 N4 ? ? ? 1_555 B DG 2 O6 ? ? A DC 5 B DG 8  1_555 ? ? ? ? ? ? WATSON-CRICK ? ? ? 
hydrog15 hydrog ? ? A DC 5 O2 ? ? ? 1_555 B DG 2 N2 ? ? A DC 5 B DG 8  1_555 ? ? ? ? ? ? WATSON-CRICK ? ? ? 
hydrog16 hydrog ? ? A DG 6 N1 ? ? ? 1_555 B DC 1 N3 ? ? A DG 6 B DC 7  1_555 ? ? ? ? ? ? WATSON-CRICK ? ? ? 
hydrog17 hydrog ? ? A DG 6 N2 ? ? ? 1_555 B DC 1 O2 ? ? A DG 6 B DC 7  1_555 ? ? ? ? ? ? WATSON-CRICK ? ? ? 
hydrog18 hydrog ? ? A DG 6 O6 ? ? ? 1_555 B DC 1 N4 ? ? A DG 6 B DC 7  1_555 ? ? ? ? ? ? WATSON-CRICK ? ? ? 
# 
_struct_conn_type.id          hydrog 
_struct_conn_type.criteria    ? 
_struct_conn_type.reference   ? 
# 
loop_
_struct_site.id 
_struct_site.pdbx_evidence_code 
_struct_site.pdbx_auth_asym_id 
_struct_site.pdbx_auth_comp_id 
_struct_site.pdbx_auth_seq_id 
_struct_site.pdbx_auth_ins_code 
_struct_site.pdbx_num_residues 
_struct_site.details 
AC1 Software A PAW 101 ? 9  'BINDING SITE FOR RESIDUE PAW A 101' 
AC2 Software B PAW 102 ? 12 'BINDING SITE FOR RESIDUE PAW B 102' 
# 
loop_
_struct_site_gen.id 
_struct_site_gen.site_id 
_struct_site_gen.pdbx_num_res 
_struct_site_gen.label_comp_id 
_struct_site_gen.label_asym_id 
_struct_site_gen.label_seq_id 
_struct_site_gen.pdbx_auth_ins_code 
_struct_site_gen.auth_comp_id 
_struct_site_gen.auth_asym_id 
_struct_site_gen.auth_seq_id 
_struct_site_gen.label_atom_id 
_struct_site_gen.label_alt_id 
_struct_site_gen.symmetry 
_struct_site_gen.details 
1  AC1 9  DG  A 2 ? DG  A 2   . ? 4_476 ? 
2  AC1 9  DC  A 3 ? DC  A 3   . ? 4_476 ? 
3  AC1 9  DC  A 3 ? DC  A 3   . ? 1_555 ? 
4  AC1 9  DG  A 4 ? DG  A 4   . ? 1_555 ? 
5  AC1 9  HOH E . ? HOH A 107 . ? 1_555 ? 
6  AC1 9  HOH E . ? HOH A 112 . ? 4_476 ? 
7  AC1 9  HOH E . ? HOH A 124 . ? 1_555 ? 
8  AC1 9  HOH F . ? HOH B 107 . ? 3_555 ? 
9  AC1 9  HOH F . ? HOH B 128 . ? 2_575 ? 
10 AC2 12 DG  A 2 ? DG  A 2   . ? 2_574 ? 
11 AC2 12 DC  A 5 ? DC  A 5   . ? 3_545 ? 
12 AC2 12 DG  A 6 ? DG  A 6   . ? 3_545 ? 
13 AC2 12 HOH E . ? HOH A 112 . ? 2_574 ? 
14 AC2 12 DG  B 2 ? DG  B 8   . ? 1_555 ? 
15 AC2 12 DG  B 2 ? DG  B 8   . ? 1_455 ? 
16 AC2 12 DC  B 3 ? DC  B 9   . ? 1_555 ? 
17 AC2 12 DG  B 4 ? DG  B 10  . ? 1_555 ? 
18 AC2 12 HOH F . ? HOH B 112 . ? 1_455 ? 
19 AC2 12 HOH F . ? HOH B 116 . ? 1_555 ? 
20 AC2 12 HOH F . ? HOH B 123 . ? 1_555 ? 
21 AC2 12 HOH F . ? HOH B 133 . ? 1_555 ? 
# 
_atom_sites.entry_id                    2IE1 
_atom_sites.fract_transf_matrix[1][1]   0.03392581 
_atom_sites.fract_transf_matrix[1][2]   -0.04005161 
_atom_sites.fract_transf_matrix[1][3]   0.02141645 
_atom_sites.fract_transf_matrix[2][1]   -0.02637056 
_atom_sites.fract_transf_matrix[2][2]   -0.01763311 
_atom_sites.fract_transf_matrix[2][3]   0.00879736 
_atom_sites.fract_transf_matrix[3][1]   0.00031060 
_atom_sites.fract_transf_matrix[3][2]   -0.01060158 
_atom_sites.fract_transf_matrix[3][3]   -0.02031838 
_atom_sites.fract_transf_vector[1]      0.246671 
_atom_sites.fract_transf_vector[2]      0.998907 
_atom_sites.fract_transf_vector[3]      0.364791 
# 
loop_
_atom_type.symbol 
C 
N 
O 
P 
# 
loop_
_atom_site.group_PDB 
_atom_site.id 
_atom_site.type_symbol 
_atom_site.label_atom_id 
_atom_site.label_alt_id 
_atom_site.label_comp_id 
_atom_site.label_asym_id 
_atom_site.label_entity_id 
_atom_site.label_seq_id 
_atom_site.pdbx_PDB_ins_code 
_atom_site.Cartn_x 
_atom_site.Cartn_y 
_atom_site.Cartn_z 
_atom_site.occupancy 
_atom_site.B_iso_or_equiv 
_atom_site.pdbx_formal_charge 
_atom_site.auth_seq_id 
_atom_site.auth_comp_id 
_atom_site.auth_asym_id 
_atom_site.auth_atom_id 
_atom_site.pdbx_PDB_model_num 
ATOM   1   O "O5'" . DC  A 1 1 ? 6.034   -6.730  -6.719  1.00 27.44 ? 1   DC  A "O5'" 1 
ATOM   2   C "C5'" . DC  A 1 1 ? 5.000   -7.601  -5.997  1.00 26.58 ? 1   DC  A "C5'" 1 
ATOM   3   C "C4'" . DC  A 1 1 ? 3.315   -7.647  -6.032  1.00 24.50 ? 1   DC  A "C4'" 1 
ATOM   4   O "O4'" . DC  A 1 1 ? 2.869   -6.347  -6.237  1.00 25.62 ? 1   DC  A "O4'" 1 
ATOM   5   C "C3'" . DC  A 1 1 ? 2.386   -8.379  -7.072  1.00 24.43 ? 1   DC  A "C3'" 1 
ATOM   6   O "O3'" . DC  A 1 1 ? 1.071   -8.568  -6.639  1.00 23.65 ? 1   DC  A "O3'" 1 
ATOM   7   C "C2'" . DC  A 1 1 ? 2.199   -7.421  -8.175  1.00 24.44 ? 1   DC  A "C2'" 1 
ATOM   8   C "C1'" . DC  A 1 1 ? 2.117   -6.161  -7.432  1.00 22.73 ? 1   DC  A "C1'" 1 
ATOM   9   N N1    . DC  A 1 1 ? 2.729   -5.039  -8.064  1.00 21.98 ? 1   DC  A N1    1 
ATOM   10  C C2    . DC  A 1 1 ? 1.905   -4.131  -8.630  1.00 20.98 ? 1   DC  A C2    1 
ATOM   11  O O2    . DC  A 1 1 ? 0.696   -4.285  -8.681  1.00 21.17 ? 1   DC  A O2    1 
ATOM   12  N N3    . DC  A 1 1 ? 2.463   -3.074  -9.145  1.00 20.92 ? 1   DC  A N3    1 
ATOM   13  C C4    . DC  A 1 1 ? 3.751   -2.886  -9.203  1.00 20.75 ? 1   DC  A C4    1 
ATOM   14  N N4    . DC  A 1 1 ? 4.188   -1.835  -9.778  1.00 18.99 ? 1   DC  A N4    1 
ATOM   15  C C5    . DC  A 1 1 ? 4.624   -3.735  -8.569  1.00 21.34 ? 1   DC  A C5    1 
ATOM   16  C C6    . DC  A 1 1 ? 4.072   -4.788  -7.967  1.00 21.98 ? 1   DC  A C6    1 
ATOM   17  P P     . DG  A 1 2 ? 0.392   -9.882  -5.929  1.00 24.68 ? 2   DG  A P     1 
ATOM   18  O OP1   . DG  A 1 2 ? 0.926   -11.031 -6.632  1.00 24.82 ? 2   DG  A OP1   1 
ATOM   19  O OP2   . DG  A 1 2 ? -1.056  -9.736  -5.781  1.00 22.28 ? 2   DG  A OP2   1 
ATOM   20  O "O5'" . DG  A 1 2 ? 0.826   -9.737  -4.405  1.00 23.50 ? 2   DG  A "O5'" 1 
ATOM   21  C "C5'" . DG  A 1 2 ? 1.635   -10.569 -3.602  1.00 23.41 ? 2   DG  A "C5'" 1 
ATOM   22  C "C4'" . DG  A 1 2 ? 2.278   -9.863  -2.395  1.00 23.04 ? 2   DG  A "C4'" 1 
ATOM   23  O "O4'" . DG  A 1 2 ? 3.274   -9.030  -2.965  1.00 23.34 ? 2   DG  A "O4'" 1 
ATOM   24  C "C3'" . DG  A 1 2 ? 1.584   -8.900  -1.421  1.00 23.68 ? 2   DG  A "C3'" 1 
ATOM   25  O "O3'" . DG  A 1 2 ? 0.696   -9.370  -0.462  1.00 25.19 ? 2   DG  A "O3'" 1 
ATOM   26  C "C2'" . DG  A 1 2 ? 2.751   -8.380  -0.752  1.00 23.00 ? 2   DG  A "C2'" 1 
ATOM   27  C "C1'" . DG  A 1 2 ? 3.804   -8.399  -1.818  1.00 23.35 ? 2   DG  A "C1'" 1 
ATOM   28  N N9    . DG  A 1 2 ? 4.358   -7.201  -2.263  1.00 21.84 ? 2   DG  A N9    1 
ATOM   29  C C8    . DG  A 1 2 ? 5.643   -7.018  -2.286  1.00 22.60 ? 2   DG  A C8    1 
ATOM   30  N N7    . DG  A 1 2 ? 5.993   -5.981  -2.962  1.00 22.53 ? 2   DG  A N7    1 
ATOM   31  C C5    . DG  A 1 2 ? 4.830   -5.417  -3.398  1.00 22.71 ? 2   DG  A C5    1 
ATOM   32  C C6    . DG  A 1 2 ? 4.617   -4.345  -4.291  1.00 23.23 ? 2   DG  A C6    1 
ATOM   33  O O6    . DG  A 1 2 ? 5.422   -3.653  -4.944  1.00 24.46 ? 2   DG  A O6    1 
ATOM   34  N N1    . DG  A 1 2 ? 3.303   -4.150  -4.452  1.00 21.44 ? 2   DG  A N1    1 
ATOM   35  C C2    . DG  A 1 2 ? 2.400   -4.774  -3.807  1.00 21.08 ? 2   DG  A C2    1 
ATOM   36  N N2    . DG  A 1 2 ? 1.321   -4.229  -4.178  1.00 21.05 ? 2   DG  A N2    1 
ATOM   37  N N3    . DG  A 1 2 ? 2.533   -5.679  -2.846  1.00 21.71 ? 2   DG  A N3    1 
ATOM   38  C C4    . DG  A 1 2 ? 3.778   -6.123  -2.909  1.00 22.46 ? 2   DG  A C4    1 
ATOM   39  P P     . DC  A 1 3 ? -0.767  -8.635  -0.333  1.00 27.47 ? 3   DC  A P     1 
ATOM   40  O OP1   . DC  A 1 3 ? -1.738  -9.634  0.171   1.00 27.19 ? 3   DC  A OP1   1 
ATOM   41  O OP2   . DC  A 1 3 ? -1.044  -8.040  -1.644  1.00 26.42 ? 3   DC  A OP2   1 
ATOM   42  O "O5'" . DC  A 1 3 ? -0.474  -7.515  0.787   1.00 24.37 ? 3   DC  A "O5'" 1 
ATOM   43  C "C5'" . DC  A 1 3 ? -1.225  -6.652  1.620   1.00 23.63 ? 3   DC  A "C5'" 1 
ATOM   44  C "C4'" . DC  A 1 3 ? -1.740  -5.348  0.917   1.00 24.40 ? 3   DC  A "C4'" 1 
ATOM   45  O "O4'" . DC  A 1 3 ? -0.771  -4.260  0.884   1.00 23.70 ? 3   DC  A "O4'" 1 
ATOM   46  C "C3'" . DC  A 1 3 ? -2.379  -5.463  -0.484  1.00 23.04 ? 3   DC  A "C3'" 1 
ATOM   47  O "O3'" . DC  A 1 3 ? -3.471  -4.629  -0.791  1.00 22.74 ? 3   DC  A "O3'" 1 
ATOM   48  C "C2'" . DC  A 1 3 ? -1.179  -4.888  -1.143  1.00 22.93 ? 3   DC  A "C2'" 1 
ATOM   49  C "C1'" . DC  A 1 3 ? -0.631  -3.736  -0.357  1.00 22.14 ? 3   DC  A "C1'" 1 
ATOM   50  N N1    . DC  A 1 3 ? 0.794   -3.600  -0.483  1.00 21.09 ? 3   DC  A N1    1 
ATOM   51  C C2    . DC  A 1 3 ? 1.175   -2.586  -1.272  1.00 20.52 ? 3   DC  A C2    1 
ATOM   52  O O2    . DC  A 1 3 ? 0.284   -1.822  -1.788  1.00 19.88 ? 3   DC  A O2    1 
ATOM   53  N N3    . DC  A 1 3 ? 2.518   -2.509  -1.395  1.00 20.88 ? 3   DC  A N3    1 
ATOM   54  C C4    . DC  A 1 3 ? 3.338   -3.336  -0.734  1.00 19.95 ? 3   DC  A C4    1 
ATOM   55  N N4    . DC  A 1 3 ? 4.658   -3.209  -0.731  1.00 22.29 ? 3   DC  A N4    1 
ATOM   56  C C5    . DC  A 1 3 ? 2.901   -4.371  0.031   1.00 18.98 ? 3   DC  A C5    1 
ATOM   57  C C6    . DC  A 1 3 ? 1.601   -4.487  0.121   1.00 18.94 ? 3   DC  A C6    1 
ATOM   58  P P     . DG  A 1 4 ? -5.012  -4.939  -0.377  1.00 28.13 ? 4   DG  A P     1 
ATOM   59  O OP1   . DG  A 1 4 ? -5.514  -6.290  -0.790  1.00 25.72 ? 4   DG  A OP1   1 
ATOM   60  O OP2   . DG  A 1 4 ? -5.561  -3.891  -1.205  1.00 26.19 ? 4   DG  A OP2   1 
ATOM   61  O "O5'" . DG  A 1 4 ? -5.401  -4.498  1.202   1.00 23.48 ? 4   DG  A "O5'" 1 
ATOM   62  C "C5'" . DG  A 1 4 ? -4.802  -3.690  2.185   1.00 23.53 ? 4   DG  A "C5'" 1 
ATOM   63  C "C4'" . DG  A 1 4 ? -5.026  -4.248  3.608   1.00 23.83 ? 4   DG  A "C4'" 1 
ATOM   64  O "O4'" . DG  A 1 4 ? -4.057  -5.297  3.768   1.00 24.46 ? 4   DG  A "O4'" 1 
ATOM   65  C "C3'" . DG  A 1 4 ? -4.944  -3.386  4.986   1.00 23.87 ? 4   DG  A "C3'" 1 
ATOM   66  O "O3'" . DG  A 1 4 ? -6.154  -3.342  5.802   1.00 25.72 ? 4   DG  A "O3'" 1 
ATOM   67  C "C2'" . DG  A 1 4 ? -4.022  -4.159  5.893   1.00 22.95 ? 4   DG  A "C2'" 1 
ATOM   68  C "C1'" . DG  A 1 4 ? -3.438  -5.269  5.093   1.00 22.27 ? 4   DG  A "C1'" 1 
ATOM   69  N N9    . DG  A 1 4 ? -2.040  -5.138  4.817   1.00 21.49 ? 4   DG  A N9    1 
ATOM   70  C C8    . DG  A 1 4 ? -1.094  -6.012  5.270   1.00 20.46 ? 4   DG  A C8    1 
ATOM   71  N N7    . DG  A 1 4 ? 0.075   -5.623  5.057   1.00 19.51 ? 4   DG  A N7    1 
ATOM   72  C C5    . DG  A 1 4 ? -0.133  -4.531  4.240   1.00 20.16 ? 4   DG  A C5    1 
ATOM   73  C C6    . DG  A 1 4 ? 0.770   -3.685  3.688   1.00 18.52 ? 4   DG  A C6    1 
ATOM   74  O O6    . DG  A 1 4 ? 1.942   -3.836  3.673   1.00 20.63 ? 4   DG  A O6    1 
ATOM   75  N N1    . DG  A 1 4 ? 0.259   -2.646  3.054   1.00 18.74 ? 4   DG  A N1    1 
ATOM   76  C C2    . DG  A 1 4 ? -1.038  -2.299  2.972   1.00 18.05 ? 4   DG  A C2    1 
ATOM   77  N N2    . DG  A 1 4 ? -1.358  -1.146  2.512   1.00 18.88 ? 4   DG  A N2    1 
ATOM   78  N N3    . DG  A 1 4 ? -1.954  -3.048  3.477   1.00 20.25 ? 4   DG  A N3    1 
ATOM   79  C C4    . DG  A 1 4 ? -1.422  -4.209  4.075   1.00 19.76 ? 4   DG  A C4    1 
ATOM   80  P P     . DC  A 1 5 ? -7.111  -2.050  5.674   1.00 29.54 ? 5   DC  A P     1 
ATOM   81  O OP1   . DC  A 1 5 ? -7.830  -1.590  6.866   1.00 28.82 ? 5   DC  A OP1   1 
ATOM   82  O OP2   . DC  A 1 5 ? -7.962  -2.211  4.481   1.00 28.12 ? 5   DC  A OP2   1 
ATOM   83  O "O5'" . DC  A 1 5 ? -6.273  -0.758  5.160   1.00 26.44 ? 5   DC  A "O5'" 1 
ATOM   84  C "C5'" . DC  A 1 5 ? -6.137  0.422   6.061   1.00 24.47 ? 5   DC  A "C5'" 1 
ATOM   85  C "C4'" . DC  A 1 5 ? -5.132  1.366   5.697   1.00 22.01 ? 5   DC  A "C4'" 1 
ATOM   86  O "O4'" . DC  A 1 5 ? -4.049  0.808   6.307   1.00 21.68 ? 5   DC  A "O4'" 1 
ATOM   87  C "C3'" . DC  A 1 5 ? -4.978  1.381   4.163   1.00 23.51 ? 5   DC  A "C3'" 1 
ATOM   88  O "O3'" . DC  A 1 5 ? -5.084  2.775   3.691   1.00 25.00 ? 5   DC  A "O3'" 1 
ATOM   89  C "C2'" . DC  A 1 5 ? -3.602  0.849   4.129   1.00 22.83 ? 5   DC  A "C2'" 1 
ATOM   90  C "C1'" . DC  A 1 5 ? -3.002  1.085   5.487   1.00 20.63 ? 5   DC  A "C1'" 1 
ATOM   91  N N1    . DC  A 1 5 ? -2.038  0.125   5.871   1.00 20.20 ? 5   DC  A N1    1 
ATOM   92  C C2    . DC  A 1 5 ? -0.762  0.425   5.620   1.00 20.24 ? 5   DC  A C2    1 
ATOM   93  O O2    . DC  A 1 5 ? -0.564  1.540   5.157   1.00 20.56 ? 5   DC  A O2    1 
ATOM   94  N N3    . DC  A 1 5 ? 0.248   -0.455  5.888   1.00 18.76 ? 5   DC  A N3    1 
ATOM   95  C C4    . DC  A 1 5 ? 0.001   -1.544  6.526   1.00 17.91 ? 5   DC  A C4    1 
ATOM   96  N N4    . DC  A 1 5 ? 0.957   -2.352  6.769   1.00 17.65 ? 5   DC  A N4    1 
ATOM   97  C C5    . DC  A 1 5 ? -1.332  -1.916  6.798   1.00 20.77 ? 5   DC  A C5    1 
ATOM   98  C C6    . DC  A 1 5 ? -2.311  -1.036  6.445   1.00 19.36 ? 5   DC  A C6    1 
ATOM   99  P P     . DG  A 1 6 ? -6.352  3.418   3.052   1.00 23.80 ? 6   DG  A P     1 
ATOM   100 O OP1   . DG  A 1 6 ? -7.219  2.389   2.433   1.00 22.85 ? 6   DG  A OP1   1 
ATOM   101 O OP2   . DG  A 1 6 ? -5.846  4.545   2.364   1.00 24.54 ? 6   DG  A OP2   1 
ATOM   102 O "O5'" . DG  A 1 6 ? -7.069  3.912   4.442   1.00 24.30 ? 6   DG  A "O5'" 1 
ATOM   103 C "C5'" . DG  A 1 6 ? -6.660  4.868   5.441   1.00 20.34 ? 6   DG  A "C5'" 1 
ATOM   104 C "C4'" . DG  A 1 6 ? -7.796  4.769   6.420   1.00 21.11 ? 6   DG  A "C4'" 1 
ATOM   105 O "O4'" . DG  A 1 6 ? -7.946  3.615   7.125   1.00 19.65 ? 6   DG  A "O4'" 1 
ATOM   106 C "C3'" . DG  A 1 6 ? -7.540  5.645   7.476   1.00 22.07 ? 6   DG  A "C3'" 1 
ATOM   107 O "O3'" . DG  A 1 6 ? -8.704  6.305   7.683   1.00 22.65 ? 6   DG  A "O3'" 1 
ATOM   108 C "C2'" . DG  A 1 6 ? -7.040  4.974   8.612   1.00 20.77 ? 6   DG  A "C2'" 1 
ATOM   109 C "C1'" . DG  A 1 6 ? -7.750  3.747   8.487   1.00 18.81 ? 6   DG  A "C1'" 1 
ATOM   110 N N9    . DG  A 1 6 ? -7.021  2.637   8.953   1.00 18.04 ? 6   DG  A N9    1 
ATOM   111 C C8    . DG  A 1 6 ? -7.496  1.629   9.596   1.00 16.58 ? 6   DG  A C8    1 
ATOM   112 N N7    . DG  A 1 6 ? -6.609  0.855   10.053  1.00 18.76 ? 6   DG  A N7    1 
ATOM   113 C C5    . DG  A 1 6 ? -5.438  1.254   9.411   1.00 18.30 ? 6   DG  A C5    1 
ATOM   114 C C6    . DG  A 1 6 ? -4.076  0.857   9.536   1.00 19.18 ? 6   DG  A C6    1 
ATOM   115 O O6    . DG  A 1 6 ? -3.536  -0.070  10.142  1.00 19.79 ? 6   DG  A O6    1 
ATOM   116 N N1    . DG  A 1 6 ? -3.232  1.698   8.861   1.00 17.78 ? 6   DG  A N1    1 
ATOM   117 C C2    . DG  A 1 6 ? -3.478  2.915   8.408   1.00 16.64 ? 6   DG  A C2    1 
ATOM   118 N N2    . DG  A 1 6 ? -2.425  3.694   8.057   1.00 15.05 ? 6   DG  A N2    1 
ATOM   119 N N3    . DG  A 1 6 ? -4.704  3.340   8.417   1.00 16.23 ? 6   DG  A N3    1 
ATOM   120 C C4    . DG  A 1 6 ? -5.643  2.457   8.873   1.00 19.09 ? 6   DG  A C4    1 
ATOM   121 O "O5'" . DC  B 1 1 ? 6.460   1.318   9.356   1.00 24.48 ? 7   DC  B "O5'" 1 
ATOM   122 C "C5'" . DC  B 1 1 ? 5.324   1.193   8.597   1.00 24.06 ? 7   DC  B "C5'" 1 
ATOM   123 C "C4'" . DC  B 1 1 ? 4.895   2.307   7.756   1.00 23.56 ? 7   DC  B "C4'" 1 
ATOM   124 O "O4'" . DC  B 1 1 ? 3.699   1.610   7.423   1.00 22.80 ? 7   DC  B "O4'" 1 
ATOM   125 C "C3'" . DC  B 1 1 ? 4.589   3.709   8.439   1.00 23.70 ? 7   DC  B "C3'" 1 
ATOM   126 O "O3'" . DC  B 1 1 ? 4.519   4.830   7.522   1.00 22.93 ? 7   DC  B "O3'" 1 
ATOM   127 C "C2'" . DC  B 1 1 ? 3.216   3.358   8.984   1.00 22.03 ? 7   DC  B "C2'" 1 
ATOM   128 C "C1'" . DC  B 1 1 ? 2.635   2.310   8.006   1.00 22.13 ? 7   DC  B "C1'" 1 
ATOM   129 N N1    . DC  B 1 1 ? 1.764   1.321   8.610   1.00 20.91 ? 7   DC  B N1    1 
ATOM   130 C C2    . DC  B 1 1 ? 0.492   1.540   8.571   1.00 20.96 ? 7   DC  B C2    1 
ATOM   131 O O2    . DC  B 1 1 ? -0.001  2.605   8.240   1.00 23.83 ? 7   DC  B O2    1 
ATOM   132 N N3    . DC  B 1 1 ? -0.351  0.603   8.901   1.00 21.43 ? 7   DC  B N3    1 
ATOM   133 C C4    . DC  B 1 1 ? -0.051  -0.447  9.523   1.00 21.16 ? 7   DC  B C4    1 
ATOM   134 N N4    . DC  B 1 1 ? -1.107  -1.128  10.028  1.00 21.92 ? 7   DC  B N4    1 
ATOM   135 C C5    . DC  B 1 1 ? 1.291   -0.781  9.555   1.00 20.74 ? 7   DC  B C5    1 
ATOM   136 C C6    . DC  B 1 1 ? 2.176   0.122   9.078   1.00 20.21 ? 7   DC  B C6    1 
ATOM   137 P P     . DG  B 1 2 ? 5.532   5.909   7.008   1.00 22.97 ? 8   DG  B P     1 
ATOM   138 O OP1   . DG  B 1 2 ? 6.206   6.370   8.169   1.00 19.46 ? 8   DG  B OP1   1 
ATOM   139 O OP2   . DG  B 1 2 ? 4.536   6.730   6.290   1.00 24.57 ? 8   DG  B OP2   1 
ATOM   140 O "O5'" . DG  B 1 2 ? 6.453   5.151   5.887   1.00 22.39 ? 8   DG  B "O5'" 1 
ATOM   141 C "C5'" . DG  B 1 2 ? 5.912   4.622   4.660   1.00 22.44 ? 8   DG  B "C5'" 1 
ATOM   142 C "C4'" . DG  B 1 2 ? 6.863   3.774   3.929   1.00 22.82 ? 8   DG  B "C4'" 1 
ATOM   143 O "O4'" . DG  B 1 2 ? 7.065   2.578   4.604   1.00 24.00 ? 8   DG  B "O4'" 1 
ATOM   144 C "C3'" . DG  B 1 2 ? 6.559   3.347   2.547   1.00 24.70 ? 8   DG  B "C3'" 1 
ATOM   145 O "O3'" . DG  B 1 2 ? 7.167   4.178   1.526   1.00 24.45 ? 8   DG  B "O3'" 1 
ATOM   146 C "C2'" . DG  B 1 2 ? 7.466   2.110   2.529   1.00 23.62 ? 8   DG  B "C2'" 1 
ATOM   147 C "C1'" . DG  B 1 2 ? 7.549   1.568   3.834   1.00 23.14 ? 8   DG  B "C1'" 1 
ATOM   148 N N9    . DG  B 1 2 ? 6.703   0.491   4.247   1.00 23.02 ? 8   DG  B N9    1 
ATOM   149 C C8    . DG  B 1 2 ? 7.187   -0.584  4.895   1.00 23.78 ? 8   DG  B C8    1 
ATOM   150 N N7    . DG  B 1 2 ? 6.333   -1.267  5.565   1.00 22.17 ? 8   DG  B N7    1 
ATOM   151 C C5    . DG  B 1 2 ? 5.206   -0.544  5.382   1.00 21.40 ? 8   DG  B C5    1 
ATOM   152 C C6    . DG  B 1 2 ? 3.908   -0.816  5.785   1.00 22.49 ? 8   DG  B C6    1 
ATOM   153 O O6    . DG  B 1 2 ? 3.527   -1.690  6.589   1.00 22.05 ? 8   DG  B O6    1 
ATOM   154 N N1    . DG  B 1 2 ? 3.024   0.034   5.202   1.00 20.23 ? 8   DG  B N1    1 
ATOM   155 C C2    . DG  B 1 2 ? 3.304   1.067   4.455   1.00 20.45 ? 8   DG  B C2    1 
ATOM   156 N N2    . DG  B 1 2 ? 2.393   1.899   4.036   1.00 18.99 ? 8   DG  B N2    1 
ATOM   157 N N3    . DG  B 1 2 ? 4.511   1.345   4.121   1.00 23.19 ? 8   DG  B N3    1 
ATOM   158 C C4    . DG  B 1 2 ? 5.422   0.510   4.622   1.00 21.89 ? 8   DG  B C4    1 
ATOM   159 P P     . DC  B 1 3 ? 6.514   4.973   0.478   1.00 24.24 ? 9   DC  B P     1 
ATOM   160 O OP1   . DC  B 1 3 ? 7.079   4.834   -0.824  1.00 23.59 ? 9   DC  B OP1   1 
ATOM   161 O OP2   . DC  B 1 3 ? 6.216   6.254   1.025   1.00 24.83 ? 9   DC  B OP2   1 
ATOM   162 O "O5'" . DC  B 1 3 ? 5.170   4.330   0.393   1.00 25.53 ? 9   DC  B "O5'" 1 
ATOM   163 C "C5'" . DC  B 1 3 ? 4.746   3.981   -0.937  1.00 23.86 ? 9   DC  B "C5'" 1 
ATOM   164 C "C4'" . DC  B 1 3 ? 3.328   3.552   -1.283  1.00 24.05 ? 9   DC  B "C4'" 1 
ATOM   165 O "O4'" . DC  B 1 3 ? 3.495   2.182   -1.097  1.00 22.78 ? 9   DC  B "O4'" 1 
ATOM   166 C "C3'" . DC  B 1 3 ? 2.034   3.976   -0.486  1.00 24.90 ? 9   DC  B "C3'" 1 
ATOM   167 O "O3'" . DC  B 1 3 ? 0.682   4.283   -1.049  1.00 25.81 ? 9   DC  B "O3'" 1 
ATOM   168 C "C2'" . DC  B 1 3 ? 1.834   2.879   0.479   1.00 24.02 ? 9   DC  B "C2'" 1 
ATOM   169 C "C1'" . DC  B 1 3 ? 2.439   1.740   -0.266  1.00 22.16 ? 9   DC  B "C1'" 1 
ATOM   170 N N1    . DC  B 1 3 ? 2.931   0.796   0.650   1.00 19.90 ? 9   DC  B N1    1 
ATOM   171 C C2    . DC  B 1 3 ? 1.977   0.001   1.153   1.00 19.91 ? 9   DC  B C2    1 
ATOM   172 O O2    . DC  B 1 3 ? 0.744   0.284   1.023   1.00 19.66 ? 9   DC  B O2    1 
ATOM   173 N N3    . DC  B 1 3 ? 2.514   -1.039  1.864   1.00 18.62 ? 9   DC  B N3    1 
ATOM   174 C C4    . DC  B 1 3 ? 3.745   -1.313  1.955   1.00 15.76 ? 9   DC  B C4    1 
ATOM   175 N N4    . DC  B 1 3 ? 4.112   -2.227  2.791   1.00 17.30 ? 9   DC  B N4    1 
ATOM   176 C C5    . DC  B 1 3 ? 4.653   -0.681  1.186   1.00 17.19 ? 9   DC  B C5    1 
ATOM   177 C C6    . DC  B 1 3 ? 4.226   0.436   0.631   1.00 18.31 ? 9   DC  B C6    1 
ATOM   178 P P     . DG  B 1 4 ? 0.288   5.600   -1.741  1.00 23.34 ? 10  DG  B P     1 
ATOM   179 O OP1   . DG  B 1 4 ? 0.769   6.668   -0.869  1.00 23.69 ? 10  DG  B OP1   1 
ATOM   180 O OP2   . DG  B 1 4 ? -1.116  5.482   -2.016  1.00 24.24 ? 10  DG  B OP2   1 
ATOM   181 O "O5'" . DG  B 1 4 ? 1.092   5.727   -2.922  1.00 22.54 ? 10  DG  B "O5'" 1 
ATOM   182 C "C5'" . DG  B 1 4 ? 0.479   4.941   -3.874  1.00 22.49 ? 10  DG  B "C5'" 1 
ATOM   183 C "C4'" . DG  B 1 4 ? 1.294   4.852   -4.996  1.00 24.25 ? 10  DG  B "C4'" 1 
ATOM   184 O "O4'" . DG  B 1 4 ? 2.452   4.443   -4.440  1.00 23.88 ? 10  DG  B "O4'" 1 
ATOM   185 C "C3'" . DG  B 1 4 ? 0.858   3.859   -5.987  1.00 24.61 ? 10  DG  B "C3'" 1 
ATOM   186 O "O3'" . DG  B 1 4 ? 0.140   4.661   -6.933  1.00 27.05 ? 10  DG  B "O3'" 1 
ATOM   187 C "C2'" . DG  B 1 4 ? 2.188   3.514   -6.540  1.00 22.78 ? 10  DG  B "C2'" 1 
ATOM   188 C "C1'" . DG  B 1 4 ? 3.189   3.919   -5.492  1.00 22.86 ? 10  DG  B "C1'" 1 
ATOM   189 N N9    . DG  B 1 4 ? 3.964   2.837   -4.811  1.00 20.54 ? 10  DG  B N9    1 
ATOM   190 C C8    . DG  B 1 4 ? 5.252   2.834   -4.657  1.00 20.40 ? 10  DG  B C8    1 
ATOM   191 N N7    . DG  B 1 4 ? 5.725   1.762   -4.196  1.00 19.99 ? 10  DG  B N7    1 
ATOM   192 C C5    . DG  B 1 4 ? 4.624   1.120   -3.876  1.00 20.01 ? 10  DG  B C5    1 
ATOM   193 C C6    . DG  B 1 4 ? 4.515   -0.017  -3.201  1.00 20.64 ? 10  DG  B C6    1 
ATOM   194 O O6    . DG  B 1 4 ? 5.396   -0.818  -2.901  1.00 21.96 ? 10  DG  B O6    1 
ATOM   195 N N1    . DG  B 1 4 ? 3.206   -0.242  -2.914  1.00 21.29 ? 10  DG  B N1    1 
ATOM   196 C C2    . DG  B 1 4 ? 2.152   0.498   -3.282  1.00 19.43 ? 10  DG  B C2    1 
ATOM   197 N N2    . DG  B 1 4 ? 1.012   -0.140  -3.386  1.00 21.22 ? 10  DG  B N2    1 
ATOM   198 N N3    . DG  B 1 4 ? 2.296   1.664   -3.746  1.00 19.78 ? 10  DG  B N3    1 
ATOM   199 C C4    . DG  B 1 4 ? 3.551   1.879   -4.060  1.00 19.24 ? 10  DG  B C4    1 
ATOM   200 P P     . DC  B 1 5 ? -1.411  4.846   -7.152  1.00 28.78 ? 11  DC  B P     1 
ATOM   201 O OP1   . DC  B 1 5 ? -1.782  6.216   -7.680  1.00 26.54 ? 11  DC  B OP1   1 
ATOM   202 O OP2   . DC  B 1 5 ? -2.137  4.476   -5.940  1.00 29.68 ? 11  DC  B OP2   1 
ATOM   203 O "O5'" . DC  B 1 5 ? -1.006  3.621   -8.171  1.00 28.34 ? 11  DC  B "O5'" 1 
ATOM   204 C "C5'" . DC  B 1 5 ? -1.871  2.624   -8.765  1.00 27.27 ? 11  DC  B "C5'" 1 
ATOM   205 C "C4'" . DC  B 1 5 ? -2.168  1.201   -8.134  1.00 25.02 ? 11  DC  B "C4'" 1 
ATOM   206 O "O4'" . DC  B 1 5 ? -1.144  0.287   -8.349  1.00 22.13 ? 11  DC  B "O4'" 1 
ATOM   207 C "C3'" . DC  B 1 5 ? -2.722  1.164   -6.718  1.00 25.30 ? 11  DC  B "C3'" 1 
ATOM   208 O "O3'" . DC  B 1 5 ? -3.811  0.099   -6.583  1.00 26.95 ? 11  DC  B "O3'" 1 
ATOM   209 C "C2'" . DC  B 1 5 ? -1.389  0.696   -6.163  1.00 23.71 ? 11  DC  B "C2'" 1 
ATOM   210 C "C1'" . DC  B 1 5 ? -0.895  -0.353  -7.130  1.00 23.03 ? 11  DC  B "C1'" 1 
ATOM   211 N N1    . DC  B 1 5 ? 0.526   -0.613  -6.905  1.00 22.33 ? 11  DC  B N1    1 
ATOM   212 C C2    . DC  B 1 5 ? 1.016   -1.609  -6.144  1.00 20.45 ? 11  DC  B C2    1 
ATOM   213 O O2    . DC  B 1 5 ? 0.358   -2.436  -5.596  1.00 21.46 ? 11  DC  B O2    1 
ATOM   214 N N3    . DC  B 1 5 ? 2.313   -1.755  -5.986  1.00 20.67 ? 11  DC  B N3    1 
ATOM   215 C C4    . DC  B 1 5 ? 3.168   -0.978  -6.551  1.00 18.81 ? 11  DC  B C4    1 
ATOM   216 N N4    . DC  B 1 5 ? 4.401   -1.076  -6.212  1.00 20.15 ? 11  DC  B N4    1 
ATOM   217 C C5    . DC  B 1 5 ? 2.750   0.073   -7.314  1.00 21.55 ? 11  DC  B C5    1 
ATOM   218 C C6    . DC  B 1 5 ? 1.409   0.244   -7.430  1.00 21.37 ? 11  DC  B C6    1 
ATOM   219 P P     . DG  B 1 6 ? -5.496  0.197   -6.681  1.00 26.81 ? 12  DG  B P     1 
ATOM   220 O OP1   . DG  B 1 6 ? -5.728  1.214   -5.618  1.00 24.81 ? 12  DG  B OP1   1 
ATOM   221 O OP2   . DG  B 1 6 ? -6.033  -1.177  -6.606  1.00 26.16 ? 12  DG  B OP2   1 
ATOM   222 O "O5'" . DG  B 1 6 ? -5.688  0.686   -8.110  1.00 25.83 ? 12  DG  B "O5'" 1 
ATOM   223 C "C5'" . DG  B 1 6 ? -5.572  -0.220  -9.231  1.00 26.05 ? 12  DG  B "C5'" 1 
ATOM   224 C "C4'" . DG  B 1 6 ? -5.364  0.350   -10.724 1.00 25.93 ? 12  DG  B "C4'" 1 
ATOM   225 O "O4'" . DG  B 1 6 ? -4.276  1.178   -10.988 1.00 25.88 ? 12  DG  B "O4'" 1 
ATOM   226 C "C3'" . DG  B 1 6 ? -4.912  -0.705  -11.529 1.00 25.12 ? 12  DG  B "C3'" 1 
ATOM   227 O "O3'" . DG  B 1 6 ? -6.070  -1.317  -11.821 1.00 28.82 ? 12  DG  B "O3'" 1 
ATOM   228 C "C2'" . DG  B 1 6 ? -4.326  -0.251  -12.745 1.00 24.68 ? 12  DG  B "C2'" 1 
ATOM   229 C "C1'" . DG  B 1 6 ? -3.602  0.895   -12.240 1.00 24.72 ? 12  DG  B "C1'" 1 
ATOM   230 N N9    . DG  B 1 6 ? -2.086  0.847   -12.103 1.00 23.35 ? 12  DG  B N9    1 
ATOM   231 C C8    . DG  B 1 6 ? -1.191  1.757   -12.538 1.00 22.09 ? 12  DG  B C8    1 
ATOM   232 N N7    . DG  B 1 6 ? 0.018   1.463   -12.327 1.00 21.32 ? 12  DG  B N7    1 
ATOM   233 C C5    . DG  B 1 6 ? -0.050  0.245   -11.804 1.00 20.41 ? 12  DG  B C5    1 
ATOM   234 C C6    . DG  B 1 6 ? 0.958   -0.466  -11.271 1.00 20.60 ? 12  DG  B C6    1 
ATOM   235 O O6    . DG  B 1 6 ? 2.135   -0.147  -11.304 1.00 20.90 ? 12  DG  B O6    1 
ATOM   236 N N1    . DG  B 1 6 ? 0.456   -1.566  -10.630 1.00 20.88 ? 12  DG  B N1    1 
ATOM   237 C C2    . DG  B 1 6 ? -0.841  -1.880  -10.594 1.00 20.32 ? 12  DG  B C2    1 
ATOM   238 N N2    . DG  B 1 6 ? -1.313  -2.817  -9.884  1.00 19.97 ? 12  DG  B N2    1 
ATOM   239 N N3    . DG  B 1 6 ? -1.750  -1.235  -11.157 1.00 20.86 ? 12  DG  B N3    1 
ATOM   240 C C4    . DG  B 1 6 ? -1.304  -0.100  -11.555 1.00 21.03 ? 12  DG  B C4    1 
HETATM 241 N N1    . PAW C 2 . ? -7.787  -4.318  -3.020  1.00 17.45 ? 101 PAW A N1    1 
HETATM 242 C C2    . PAW C 2 . ? -8.568  -3.328  -2.505  1.00 19.19 ? 101 PAW A C2    1 
HETATM 243 C C3    . PAW C 2 . ? -8.334  -3.314  -1.128  1.00 21.20 ? 101 PAW A C3    1 
HETATM 244 C C5    . PAW C 2 . ? -7.394  -1.076  -0.327  1.00 25.43 ? 101 PAW A C5    1 
HETATM 245 C C6    . PAW C 2 . ? -6.113  -1.128  0.324   1.00 27.32 ? 101 PAW A C6    1 
HETATM 246 N N4    . PAW C 2 . ? -8.370  -2.113  -0.332  1.00 24.08 ? 101 PAW A N4    1 
HETATM 247 N N7    . PAW C 2 . ? -4.855  -1.190  -0.445  1.00 28.66 ? 101 PAW A N7    1 
HETATM 248 C C8    . PAW C 2 . ? -4.662  -0.649  -1.780  1.00 29.06 ? 101 PAW A C8    1 
HETATM 249 C C9    . PAW C 2 . ? -4.668  -1.477  -2.956  1.00 28.37 ? 101 PAW A C9    1 
HETATM 250 N N10   . PAW C 2 . ? -3.471  -2.265  -3.229  1.00 28.97 ? 101 PAW A N10   1 
HETATM 251 C C11   . PAW C 2 . ? -3.520  -3.303  -4.221  1.00 25.41 ? 101 PAW A C11   1 
HETATM 252 C C12   . PAW C 2 . ? -4.017  -4.591  -3.903  1.00 24.70 ? 101 PAW A C12   1 
HETATM 253 N N13   . PAW C 2 . ? -3.171  -5.709  -4.003  1.00 21.67 ? 101 PAW A N13   1 
HETATM 254 N N1    . PAW D 2 . ? 3.624   5.093   2.344   1.00 21.10 ? 102 PAW B N1    1 
HETATM 255 C C2    . PAW D 2 . ? 2.813   6.142   1.878   1.00 21.57 ? 102 PAW B C2    1 
HETATM 256 C C3    . PAW D 2 . ? 3.145   6.776   0.623   1.00 23.05 ? 102 PAW B C3    1 
HETATM 257 C C5    . PAW D 2 . ? 2.335   9.040   1.187   1.00 24.44 ? 102 PAW B C5    1 
HETATM 258 C C6    . PAW D 2 . ? 2.878   9.313   2.524   1.00 23.79 ? 102 PAW B C6    1 
HETATM 259 N N4    . PAW D 2 . ? 2.939   8.136   0.238   1.00 21.63 ? 102 PAW B N4    1 
HETATM 260 N N7    . PAW D 2 . ? 2.027   9.320   3.698   1.00 25.21 ? 102 PAW B N7    1 
HETATM 261 C C8    . PAW D 2 . ? 0.736   8.739   3.925   1.00 23.56 ? 102 PAW B C8    1 
HETATM 262 C C9    . PAW D 2 . ? -0.381  9.600   3.740   1.00 25.51 ? 102 PAW B C9    1 
HETATM 263 N N10   . PAW D 2 . ? -1.676  9.260   3.177   1.00 26.82 ? 102 PAW B N10   1 
HETATM 264 C C11   . PAW D 2 . ? -1.939  7.943   2.619   1.00 27.50 ? 102 PAW B C11   1 
HETATM 265 C C12   . PAW D 2 . ? -1.579  7.640   1.256   1.00 25.66 ? 102 PAW B C12   1 
HETATM 266 N N13   . PAW D 2 . ? -2.333  8.422   0.354   1.00 25.41 ? 102 PAW B N13   1 
HETATM 267 O O     . HOH E 3 . ? -3.766  3.327   0.326   1.00 26.92 ? 102 HOH A O     1 
HETATM 268 O O     . HOH E 3 . ? -6.187  2.959   -1.866  1.00 24.12 ? 103 HOH A O     1 
HETATM 269 O O     . HOH E 3 . ? -8.952  -0.128  12.446  1.00 23.84 ? 104 HOH A O     1 
HETATM 270 O O     . HOH E 3 . ? -3.253  5.403   5.530   1.00 26.25 ? 105 HOH A O     1 
HETATM 271 O O     . HOH E 3 . ? -6.865  -1.639  9.409   1.00 23.50 ? 106 HOH A O     1 
HETATM 272 O O     . HOH E 3 . ? -1.113  -6.820  -3.779  1.00 27.44 ? 107 HOH A O     1 
HETATM 273 O O     . HOH E 3 . ? 10.160  -4.075  -3.886  1.00 24.56 ? 108 HOH A O     1 
HETATM 274 O O     . HOH E 3 . ? -7.455  6.977   2.102   1.00 17.39 ? 109 HOH A O     1 
HETATM 275 O O     . HOH E 3 . ? -3.400  4.547   3.019   1.00 23.89 ? 110 HOH A O     1 
HETATM 276 O O     . HOH E 3 . ? 5.944   0.425   -12.351 1.00 37.88 ? 111 HOH A O     1 
HETATM 277 O O     . HOH E 3 . ? -0.508  -13.896 -6.820  1.00 25.87 ? 112 HOH A O     1 
HETATM 278 O O     . HOH E 3 . ? 8.930   -1.806  -3.456  1.00 28.19 ? 113 HOH A O     1 
HETATM 279 O O     . HOH E 3 . ? -5.633  -8.825  -0.506  1.00 21.72 ? 114 HOH A O     1 
HETATM 280 O O     . HOH E 3 . ? -10.468 7.917   1.622   1.00 31.08 ? 115 HOH A O     1 
HETATM 281 O O     . HOH E 3 . ? 0.765   -14.378 -4.286  1.00 31.10 ? 116 HOH A O     1 
HETATM 282 O O     . HOH E 3 . ? -4.620  -5.529  -6.970  1.00 27.96 ? 117 HOH A O     1 
HETATM 283 O O     . HOH E 3 . ? -6.137  -6.301  5.285   1.00 24.17 ? 118 HOH A O     1 
HETATM 284 O O     . HOH E 3 . ? -7.839  9.139   6.792   1.00 25.03 ? 119 HOH A O     1 
HETATM 285 O O     . HOH E 3 . ? 3.780   -11.252 -6.487  1.00 23.12 ? 120 HOH A O     1 
HETATM 286 O O     . HOH E 3 . ? -10.249 4.627   8.693   1.00 28.18 ? 121 HOH A O     1 
HETATM 287 O O     . HOH E 3 . ? -7.369  8.329   4.257   1.00 18.99 ? 122 HOH A O     1 
HETATM 288 O O     . HOH E 3 . ? -6.859  2.102   13.276  1.00 23.53 ? 123 HOH A O     1 
HETATM 289 O O     . HOH E 3 . ? -1.448  -0.215  -2.727  1.00 27.18 ? 124 HOH A O     1 
HETATM 290 O O     . HOH E 3 . ? 7.820   -4.543  -2.320  1.00 32.13 ? 125 HOH A O     1 
HETATM 291 O O     . HOH F 3 . ? -1.619  1.850   0.740   1.00 19.93 ? 103 HOH B O     1 
HETATM 292 O O     . HOH F 3 . ? 6.825   9.507   7.698   1.00 24.01 ? 104 HOH B O     1 
HETATM 293 O O     . HOH F 3 . ? 4.009   -4.905  6.289   1.00 27.01 ? 105 HOH B O     1 
HETATM 294 O O     . HOH F 3 . ? -4.572  8.755   5.592   1.00 25.32 ? 106 HOH B O     1 
HETATM 295 O O     . HOH F 3 . ? 5.731   11.151  5.991   1.00 25.94 ? 107 HOH B O     1 
HETATM 296 O O     . HOH F 3 . ? 0.199   6.326   5.927   1.00 24.13 ? 108 HOH B O     1 
HETATM 297 O O     . HOH F 3 . ? 6.051   8.010   3.509   1.00 23.23 ? 109 HOH B O     1 
HETATM 298 O O     . HOH F 3 . ? 5.723   -5.875  4.014   1.00 27.49 ? 110 HOH B O     1 
HETATM 299 O O     . HOH F 3 . ? 4.921   2.685   -13.873 1.00 23.51 ? 111 HOH B O     1 
HETATM 300 O O     . HOH F 3 . ? 6.204   -5.995  7.095   1.00 21.16 ? 112 HOH B O     1 
HETATM 301 O O     . HOH F 3 . ? 11.076  12.832  6.777   1.00 28.47 ? 113 HOH B O     1 
HETATM 302 O O     . HOH F 3 . ? 0.708   -3.464  10.567  1.00 21.24 ? 114 HOH B O     1 
HETATM 303 O O     . HOH F 3 . ? -2.002  2.313   -3.540  1.00 27.19 ? 115 HOH B O     1 
HETATM 304 O O     . HOH F 3 . ? -4.650  8.771   2.988   1.00 25.73 ? 116 HOH B O     1 
HETATM 305 O O     . HOH F 3 . ? -8.216  -0.494  -4.121  1.00 26.56 ? 117 HOH B O     1 
HETATM 306 O O     . HOH F 3 . ? 3.912   5.005   11.741  1.00 30.02 ? 118 HOH B O     1 
HETATM 307 O O     . HOH F 3 . ? -5.294  7.151   7.385   1.00 29.41 ? 119 HOH B O     1 
HETATM 308 O O     . HOH F 3 . ? -2.419  5.346   -12.306 1.00 31.10 ? 120 HOH B O     1 
HETATM 309 O O     . HOH F 3 . ? 0.718   5.107   -9.423  1.00 21.67 ? 121 HOH B O     1 
HETATM 310 O O     . HOH F 3 . ? 7.366   -3.811  2.547   1.00 26.51 ? 122 HOH B O     1 
HETATM 311 O O     . HOH F 3 . ? 0.328   4.833   2.957   1.00 23.37 ? 123 HOH B O     1 
HETATM 312 O O     . HOH F 3 . ? 9.962   10.620  7.422   1.00 24.66 ? 124 HOH B O     1 
HETATM 313 O O     . HOH F 3 . ? -8.513  -4.388  -9.691  1.00 30.43 ? 125 HOH B O     1 
HETATM 314 O O     . HOH F 3 . ? -6.244  -3.170  -10.126 1.00 23.37 ? 126 HOH B O     1 
HETATM 315 O O     . HOH F 3 . ? 0.439   4.712   -12.155 1.00 35.70 ? 127 HOH B O     1 
HETATM 316 O O     . HOH F 3 . ? 1.492   7.305   12.554  1.00 35.23 ? 128 HOH B O     1 
HETATM 317 O O     . HOH F 3 . ? 8.730   1.811   -1.179  1.00 25.36 ? 129 HOH B O     1 
HETATM 318 O O     . HOH F 3 . ? 5.022   10.865  9.291   1.00 27.83 ? 130 HOH B O     1 
HETATM 319 O O     . HOH F 3 . ? 10.654  14.619  4.544   1.00 25.53 ? 131 HOH B O     1 
HETATM 320 O O     . HOH F 3 . ? 3.128   5.818   -8.308  1.00 35.39 ? 132 HOH B O     1 
HETATM 321 O O     . HOH F 3 . ? -2.432  11.868  2.649   1.00 27.91 ? 133 HOH B O     1 
# 
loop_
_pdbx_poly_seq_scheme.asym_id 
_pdbx_poly_seq_scheme.entity_id 
_pdbx_poly_seq_scheme.seq_id 
_pdbx_poly_seq_scheme.mon_id 
_pdbx_poly_seq_scheme.ndb_seq_num 
_pdbx_poly_seq_scheme.pdb_seq_num 
_pdbx_poly_seq_scheme.auth_seq_num 
_pdbx_poly_seq_scheme.pdb_mon_id 
_pdbx_poly_seq_scheme.auth_mon_id 
_pdbx_poly_seq_scheme.pdb_strand_id 
_pdbx_poly_seq_scheme.pdb_ins_code 
_pdbx_poly_seq_scheme.hetero 
A 1 1 DC 1 1  1  DC CYT A . n 
A 1 2 DG 2 2  2  DG GUA A . n 
A 1 3 DC 3 3  3  DC CYT A . n 
A 1 4 DG 4 4  4  DG GUA A . n 
A 1 5 DC 5 5  5  DC CYT A . n 
A 1 6 DG 6 6  6  DG GUA A . n 
B 1 1 DC 1 7  7  DC CYT B . n 
B 1 2 DG 2 8  8  DG GUA B . n 
B 1 3 DC 3 9  9  DC CYT B . n 
B 1 4 DG 4 10 10 DG GUA B . n 
B 1 5 DC 5 11 11 DC CYT B . n 
B 1 6 DG 6 12 12 DG GUA B . n 
# 
loop_
_pdbx_nonpoly_scheme.asym_id 
_pdbx_nonpoly_scheme.entity_id 
_pdbx_nonpoly_scheme.mon_id 
_pdbx_nonpoly_scheme.ndb_seq_num 
_pdbx_nonpoly_scheme.pdb_seq_num 
_pdbx_nonpoly_scheme.auth_seq_num 
_pdbx_nonpoly_scheme.pdb_mon_id 
_pdbx_nonpoly_scheme.auth_mon_id 
_pdbx_nonpoly_scheme.pdb_strand_id 
_pdbx_nonpoly_scheme.pdb_ins_code 
C 2 PAW 1  101 1  PAW PA1 A . 
D 2 PAW 1  102 2  PAW PA2 B . 
E 3 HOH 1  102 3  HOH WAT A . 
E 3 HOH 2  103 4  HOH WAT A . 
E 3 HOH 3  104 6  HOH WAT A . 
E 3 HOH 4  105 7  HOH WAT A . 
E 3 HOH 5  106 8  HOH WAT A . 
E 3 HOH 6  107 9  HOH WAT A . 
E 3 HOH 7  108 14 HOH WAT A . 
E 3 HOH 8  109 16 HOH WAT A . 
E 3 HOH 9  110 18 HOH WAT A . 
E 3 HOH 10 111 20 HOH WAT A . 
E 3 HOH 11 112 26 HOH WAT A . 
E 3 HOH 12 113 27 HOH WAT A . 
E 3 HOH 13 114 28 HOH WAT A . 
E 3 HOH 14 115 29 HOH WAT A . 
E 3 HOH 15 116 33 HOH WAT A . 
E 3 HOH 16 117 34 HOH WAT A . 
E 3 HOH 17 118 38 HOH WAT A . 
E 3 HOH 18 119 42 HOH WAT A . 
E 3 HOH 19 120 43 HOH WAT A . 
E 3 HOH 20 121 47 HOH WAT A . 
E 3 HOH 21 122 48 HOH WAT A . 
E 3 HOH 22 123 50 HOH WAT A . 
E 3 HOH 23 124 54 HOH WAT A . 
E 3 HOH 24 125 55 HOH WAT A . 
F 3 HOH 1  103 1  HOH WAT B . 
F 3 HOH 2  104 2  HOH WAT B . 
F 3 HOH 3  105 5  HOH WAT B . 
F 3 HOH 4  106 10 HOH WAT B . 
F 3 HOH 5  107 11 HOH WAT B . 
F 3 HOH 6  108 12 HOH WAT B . 
F 3 HOH 7  109 13 HOH WAT B . 
F 3 HOH 8  110 15 HOH WAT B . 
F 3 HOH 9  111 17 HOH WAT B . 
F 3 HOH 10 112 19 HOH WAT B . 
F 3 HOH 11 113 21 HOH WAT B . 
F 3 HOH 12 114 22 HOH WAT B . 
F 3 HOH 13 115 23 HOH WAT B . 
F 3 HOH 14 116 24 HOH WAT B . 
F 3 HOH 15 117 25 HOH WAT B . 
F 3 HOH 16 118 30 HOH WAT B . 
F 3 HOH 17 119 31 HOH WAT B . 
F 3 HOH 18 120 32 HOH WAT B . 
F 3 HOH 19 121 35 HOH WAT B . 
F 3 HOH 20 122 36 HOH WAT B . 
F 3 HOH 21 123 37 HOH WAT B . 
F 3 HOH 22 124 39 HOH WAT B . 
F 3 HOH 23 125 40 HOH WAT B . 
F 3 HOH 24 126 41 HOH WAT B . 
F 3 HOH 25 127 44 HOH WAT B . 
F 3 HOH 26 128 45 HOH WAT B . 
F 3 HOH 27 129 46 HOH WAT B . 
F 3 HOH 28 130 49 HOH WAT B . 
F 3 HOH 29 131 51 HOH WAT B . 
F 3 HOH 30 132 52 HOH WAT B . 
F 3 HOH 31 133 53 HOH WAT B . 
# 
_pdbx_struct_assembly.id                   1 
_pdbx_struct_assembly.details              author_defined_assembly 
_pdbx_struct_assembly.method_details       ? 
_pdbx_struct_assembly.oligomeric_details   tetrameric 
_pdbx_struct_assembly.oligomeric_count     4 
# 
_pdbx_struct_assembly_gen.assembly_id       1 
_pdbx_struct_assembly_gen.oper_expression   1,2 
_pdbx_struct_assembly_gen.asym_id_list      A,B,C,D,E,F 
# 
loop_
_pdbx_struct_oper_list.id 
_pdbx_struct_oper_list.type 
_pdbx_struct_oper_list.name 
_pdbx_struct_oper_list.symmetry_operation 
_pdbx_struct_oper_list.matrix[1][1] 
_pdbx_struct_oper_list.matrix[1][2] 
_pdbx_struct_oper_list.matrix[1][3] 
_pdbx_struct_oper_list.vector[1] 
_pdbx_struct_oper_list.matrix[2][1] 
_pdbx_struct_oper_list.matrix[2][2] 
_pdbx_struct_oper_list.matrix[2][3] 
_pdbx_struct_oper_list.vector[2] 
_pdbx_struct_oper_list.matrix[3][1] 
_pdbx_struct_oper_list.matrix[3][2] 
_pdbx_struct_oper_list.matrix[3][3] 
_pdbx_struct_oper_list.vector[3] 
1 'identity operation'         1_555 x,y,z             1.0000000000  0.0000000000  0.0000000000  0.0000000000 0.0000000000  1.0000000000  0.0000000000 0.0000000000   0.0000000000  0.0000000000 1.0000000000 0.0000000000   
2 'crystal symmetry operation' 2_575 -x+1/2,-y+2,z+1/2 -0.9996327165 -0.0125363606 -0.0240264793 0.3074300602 -0.0125363606 -0.5721007073 0.8200875687 -10.2126499005 -0.0240264793 0.8200875687 0.5717334238 -19.2748709726 
# 
loop_
_pdbx_audit_revision_history.ordinal 
_pdbx_audit_revision_history.data_content_type 
_pdbx_audit_revision_history.major_revision 
_pdbx_audit_revision_history.minor_revision 
_pdbx_audit_revision_history.revision_date 
1 'Structure model' 1 0 2007-10-09 
2 'Structure model' 1 1 2011-07-13 
3 'Structure model' 1 2 2023-10-25 
4 'Structure model' 1 3 2023-11-29 
# 
_pdbx_audit_revision_details.ordinal             1 
_pdbx_audit_revision_details.revision_ordinal    1 
_pdbx_audit_revision_details.data_content_type   'Structure model' 
_pdbx_audit_revision_details.provider            repository 
_pdbx_audit_revision_details.type                'Initial release' 
_pdbx_audit_revision_details.description         ? 
_pdbx_audit_revision_details.details             ? 
# 
loop_
_pdbx_audit_revision_group.ordinal 
_pdbx_audit_revision_group.revision_ordinal 
_pdbx_audit_revision_group.data_content_type 
_pdbx_audit_revision_group.group 
1 2 'Structure model' 'Version format compliance' 
2 3 'Structure model' 'Data collection'           
3 3 'Structure model' 'Database references'       
4 3 'Structure model' 'Derived calculations'      
5 3 'Structure model' 'Refinement description'    
6 4 'Structure model' 'Database references'       
7 4 'Structure model' 'Source and taxonomy'       
# 
loop_
_pdbx_audit_revision_category.ordinal 
_pdbx_audit_revision_category.revision_ordinal 
_pdbx_audit_revision_category.data_content_type 
_pdbx_audit_revision_category.category 
1 3 'Structure model' chem_comp_atom                
2 3 'Structure model' chem_comp_bond                
3 3 'Structure model' database_2                    
4 3 'Structure model' pdbx_initial_refinement_model 
5 3 'Structure model' struct_site                   
6 4 'Structure model' pdbx_database_related         
7 4 'Structure model' pdbx_entity_src_syn           
# 
loop_
_pdbx_audit_revision_item.ordinal 
_pdbx_audit_revision_item.revision_ordinal 
_pdbx_audit_revision_item.data_content_type 
_pdbx_audit_revision_item.item 
1 3 'Structure model' '_database_2.pdbx_DOI'                     
2 3 'Structure model' '_database_2.pdbx_database_accession'      
3 3 'Structure model' '_struct_site.pdbx_auth_asym_id'           
4 3 'Structure model' '_struct_site.pdbx_auth_comp_id'           
5 3 'Structure model' '_struct_site.pdbx_auth_seq_id'            
6 4 'Structure model' '_pdbx_database_related.db_name'           
7 4 'Structure model' '_pdbx_entity_src_syn.details'             
8 4 'Structure model' '_pdbx_entity_src_syn.ncbi_taxonomy_id'    
9 4 'Structure model' '_pdbx_entity_src_syn.organism_scientific' 
# 
loop_
_software.name 
_software.classification 
_software.version 
_software.citation_id 
_software.pdbx_ordinal 
ADSC   'data collection' Quantum ? 1 
MERLOT phasing           .       ? 2 
X-PLOR refinement        3.851   ? 3 
MOSFLM 'data reduction'  .       ? 4 
SCALA  'data scaling'    .       ? 5 
# 
loop_
_pdbx_validate_rmsd_bond.id 
_pdbx_validate_rmsd_bond.PDB_model_num 
_pdbx_validate_rmsd_bond.auth_atom_id_1 
_pdbx_validate_rmsd_bond.auth_asym_id_1 
_pdbx_validate_rmsd_bond.auth_comp_id_1 
_pdbx_validate_rmsd_bond.auth_seq_id_1 
_pdbx_validate_rmsd_bond.PDB_ins_code_1 
_pdbx_validate_rmsd_bond.label_alt_id_1 
_pdbx_validate_rmsd_bond.auth_atom_id_2 
_pdbx_validate_rmsd_bond.auth_asym_id_2 
_pdbx_validate_rmsd_bond.auth_comp_id_2 
_pdbx_validate_rmsd_bond.auth_seq_id_2 
_pdbx_validate_rmsd_bond.PDB_ins_code_2 
_pdbx_validate_rmsd_bond.label_alt_id_2 
_pdbx_validate_rmsd_bond.bond_value 
_pdbx_validate_rmsd_bond.bond_target_value 
_pdbx_validate_rmsd_bond.bond_deviation 
_pdbx_validate_rmsd_bond.bond_standard_deviation 
_pdbx_validate_rmsd_bond.linker_flag 
1  1 "C5'" A DC 1  ? ? "C4'" A DC 1  ? ? 1.686 1.512 0.174  0.007 N 
2  1 C4    A DC 1  ? ? N4    A DC 1  ? ? 1.275 1.335 -0.060 0.009 N 
3  1 C2    A DC 1  ? ? N3    A DC 1  ? ? 1.301 1.353 -0.052 0.008 N 
4  1 C4    A DC 1  ? ? C5    A DC 1  ? ? 1.373 1.425 -0.052 0.008 N 
5  1 "C3'" A DG 2  ? ? "C2'" A DG 2  ? ? 1.442 1.516 -0.074 0.008 N 
6  1 N1    A DG 2  ? ? C2    A DG 2  ? ? 1.273 1.373 -0.100 0.008 N 
7  1 C6    A DG 2  ? ? N1    A DG 2  ? ? 1.338 1.391 -0.053 0.007 N 
8  1 C8    A DG 2  ? ? N9    A DG 2  ? ? 1.298 1.374 -0.076 0.007 N 
9  1 C2    A DG 2  ? ? N2    A DG 2  ? ? 1.264 1.341 -0.077 0.010 N 
10 1 "C5'" A DC 3  ? ? "C4'" A DC 3  ? ? 1.568 1.512 0.056  0.007 N 
11 1 C4    A DC 3  ? ? C5    A DC 3  ? ? 1.360 1.425 -0.065 0.008 N 
12 1 P     A DG 4  ? ? "O5'" A DG 4  ? ? 1.685 1.593 0.092  0.010 N 
13 1 "C4'" A DG 4  ? ? "C3'" A DG 4  ? ? 1.627 1.529 0.098  0.010 N 
14 1 N3    A DG 4  ? ? C4    A DG 4  ? ? 1.410 1.350 0.060  0.007 N 
15 1 C5    A DG 4  ? ? C6    A DG 4  ? ? 1.355 1.419 -0.064 0.010 N 
16 1 C6    A DG 4  ? ? N1    A DG 4  ? ? 1.321 1.391 -0.070 0.007 N 
17 1 N7    A DG 4  ? ? C8    A DG 4  ? ? 1.250 1.305 -0.055 0.006 N 
18 1 C6    A DG 4  ? ? O6    A DG 4  ? ? 1.181 1.237 -0.056 0.009 N 
19 1 "C5'" A DC 5  ? ? "C4'" A DC 5  ? ? 1.426 1.509 -0.083 0.011 N 
20 1 "O4'" A DC 5  ? ? "C4'" A DC 5  ? ? 1.362 1.446 -0.084 0.010 N 
21 1 C4    A DC 5  ? ? N4    A DC 5  ? ? 1.275 1.335 -0.060 0.009 N 
22 1 N1    A DC 5  ? ? C2    A DC 5  ? ? 1.335 1.397 -0.062 0.010 N 
23 1 N1    A DC 5  ? ? C6    A DC 5  ? ? 1.324 1.367 -0.043 0.006 N 
24 1 N3    A DC 5  ? ? C4    A DC 5  ? ? 1.286 1.335 -0.049 0.007 N 
25 1 "C4'" A DG 6  ? ? "C3'" A DG 6  ? ? 1.396 1.521 -0.125 0.010 N 
26 1 "C3'" A DG 6  ? ? "C2'" A DG 6  ? ? 1.411 1.516 -0.105 0.008 N 
27 1 "C2'" A DG 6  ? ? "C1'" A DG 6  ? ? 1.423 1.518 -0.095 0.010 N 
28 1 "O4'" A DG 6  ? ? "C4'" A DG 6  ? ? 1.360 1.446 -0.086 0.010 N 
29 1 "O3'" A DG 6  ? ? "C3'" A DG 6  ? ? 1.354 1.419 -0.065 0.006 N 
30 1 N1    A DG 6  ? ? C2    A DG 6  ? ? 1.323 1.373 -0.050 0.008 N 
31 1 C4    A DG 6  ? ? C5    A DG 6  ? ? 1.333 1.379 -0.046 0.007 N 
32 1 N7    A DG 6  ? ? C8    A DG 6  ? ? 1.263 1.305 -0.042 0.006 N 
33 1 C8    A DG 6  ? ? N9    A DG 6  ? ? 1.286 1.374 -0.088 0.007 N 
34 1 "C4'" B DC 7  ? ? "C3'" B DC 7  ? ? 1.589 1.529 0.060  0.010 N 
35 1 N1    B DC 7  ? ? C2    B DC 7  ? ? 1.291 1.397 -0.106 0.010 N 
36 1 C2    B DC 7  ? ? N3    B DC 7  ? ? 1.302 1.353 -0.051 0.008 N 
37 1 N3    B DC 7  ? ? C4    B DC 7  ? ? 1.256 1.335 -0.079 0.007 N 
38 1 "C2'" B DG 8  ? ? "C1'" B DG 8  ? ? 1.416 1.518 -0.102 0.010 N 
39 1 N1    B DG 8  ? ? C2    B DG 8  ? ? 1.305 1.373 -0.068 0.008 N 
40 1 C4    B DG 8  ? ? C5    B DG 8  ? ? 1.317 1.379 -0.062 0.007 N 
41 1 "O3'" B DG 8  ? ? P     B DC 9  ? ? 1.468 1.607 -0.139 0.012 Y 
42 1 P     B DC 9  ? ? "O5'" B DC 9  ? ? 1.492 1.593 -0.101 0.010 N 
43 1 N3    B DC 9  ? ? C4    B DC 9  ? ? 1.264 1.335 -0.071 0.007 N 
44 1 C4    B DC 9  ? ? C5    B DC 9  ? ? 1.347 1.425 -0.078 0.008 N 
45 1 P     B DG 10 ? ? "O5'" B DG 10 ? ? 1.435 1.593 -0.158 0.010 N 
46 1 "C5'" B DG 10 ? ? "C4'" B DG 10 ? ? 1.390 1.509 -0.119 0.011 N 
47 1 "O4'" B DG 10 ? ? "C4'" B DG 10 ? ? 1.348 1.446 -0.098 0.010 N 
48 1 C2    B DG 10 ? ? N3    B DG 10 ? ? 1.264 1.323 -0.059 0.008 N 
49 1 C4    B DG 10 ? ? C5    B DG 10 ? ? 1.327 1.379 -0.052 0.007 N 
50 1 C5    B DG 10 ? ? C6    B DG 10 ? ? 1.326 1.419 -0.093 0.010 N 
51 1 C5    B DG 10 ? ? N7    B DG 10 ? ? 1.315 1.388 -0.073 0.006 N 
52 1 N7    B DG 10 ? ? C8    B DG 10 ? ? 1.258 1.305 -0.047 0.006 N 
53 1 C8    B DG 10 ? ? N9    B DG 10 ? ? 1.298 1.374 -0.076 0.007 N 
54 1 N9    B DG 10 ? ? C4    B DG 10 ? ? 1.285 1.375 -0.090 0.008 N 
55 1 "C5'" B DC 11 ? ? "C4'" B DC 11 ? ? 1.586 1.512 0.074  0.007 N 
56 1 "O3'" B DC 11 ? ? "C3'" B DC 11 ? ? 1.529 1.435 0.094  0.013 N 
57 1 N3    B DC 11 ? ? C4    B DC 11 ? ? 1.286 1.335 -0.049 0.007 N 
58 1 C4    B DC 11 ? ? C5    B DC 11 ? ? 1.364 1.425 -0.061 0.008 N 
59 1 "O3'" B DC 11 ? ? P     B DG 12 ? ? 1.691 1.607 0.084  0.012 Y 
60 1 P     B DG 12 ? ? "O5'" B DG 12 ? ? 1.522 1.593 -0.071 0.010 N 
61 1 "C5'" B DG 12 ? ? "C4'" B DG 12 ? ? 1.612 1.512 0.100  0.007 N 
62 1 "C4'" B DG 12 ? ? "C3'" B DG 12 ? ? 1.402 1.521 -0.119 0.010 N 
63 1 "C3'" B DG 12 ? ? "C2'" B DG 12 ? ? 1.424 1.516 -0.092 0.008 N 
64 1 "C2'" B DG 12 ? ? "C1'" B DG 12 ? ? 1.447 1.518 -0.071 0.010 N 
65 1 "O3'" B DG 12 ? ? "C3'" B DG 12 ? ? 1.342 1.419 -0.077 0.006 N 
66 1 C2    B DG 12 ? ? N3    B DG 12 ? ? 1.248 1.323 -0.075 0.008 N 
67 1 N3    B DG 12 ? ? C4    B DG 12 ? ? 1.283 1.350 -0.067 0.007 N 
68 1 C4    B DG 12 ? ? C5    B DG 12 ? ? 1.324 1.379 -0.055 0.007 N 
69 1 C5    B DG 12 ? ? C6    B DG 12 ? ? 1.344 1.419 -0.075 0.010 N 
70 1 C5    B DG 12 ? ? N7    B DG 12 ? ? 1.327 1.388 -0.061 0.006 N 
71 1 N7    B DG 12 ? ? C8    B DG 12 ? ? 1.263 1.305 -0.042 0.006 N 
72 1 C2    B DG 12 ? ? N2    B DG 12 ? ? 1.267 1.341 -0.074 0.010 N 
# 
loop_
_pdbx_validate_rmsd_angle.id 
_pdbx_validate_rmsd_angle.PDB_model_num 
_pdbx_validate_rmsd_angle.auth_atom_id_1 
_pdbx_validate_rmsd_angle.auth_asym_id_1 
_pdbx_validate_rmsd_angle.auth_comp_id_1 
_pdbx_validate_rmsd_angle.auth_seq_id_1 
_pdbx_validate_rmsd_angle.PDB_ins_code_1 
_pdbx_validate_rmsd_angle.label_alt_id_1 
_pdbx_validate_rmsd_angle.auth_atom_id_2 
_pdbx_validate_rmsd_angle.auth_asym_id_2 
_pdbx_validate_rmsd_angle.auth_comp_id_2 
_pdbx_validate_rmsd_angle.auth_seq_id_2 
_pdbx_validate_rmsd_angle.PDB_ins_code_2 
_pdbx_validate_rmsd_angle.label_alt_id_2 
_pdbx_validate_rmsd_angle.auth_atom_id_3 
_pdbx_validate_rmsd_angle.auth_asym_id_3 
_pdbx_validate_rmsd_angle.auth_comp_id_3 
_pdbx_validate_rmsd_angle.auth_seq_id_3 
_pdbx_validate_rmsd_angle.PDB_ins_code_3 
_pdbx_validate_rmsd_angle.label_alt_id_3 
_pdbx_validate_rmsd_angle.angle_value 
_pdbx_validate_rmsd_angle.angle_target_value 
_pdbx_validate_rmsd_angle.angle_deviation 
_pdbx_validate_rmsd_angle.angle_standard_deviation 
_pdbx_validate_rmsd_angle.linker_flag 
1  1 "O5'" A DC 1  ? ? "C5'" A DC 1  ? ? "C4'" A DC 1  ? ? 132.86 111.00 21.86  2.50 N 
2  1 "O4'" A DC 1  ? ? "C4'" A DC 1  ? ? "C3'" A DC 1  ? ? 98.48  104.50 -6.02  0.40 N 
3  1 "C5'" A DC 1  ? ? "C4'" A DC 1  ? ? "C3'" A DC 1  ? ? 128.00 115.70 12.30  1.20 N 
4  1 "C1'" A DC 1  ? ? "O4'" A DC 1  ? ? "C4'" A DC 1  ? ? 114.57 110.30 4.27   0.70 N 
5  1 C2    A DC 1  ? ? N3    A DC 1  ? ? C4    A DC 1  ? ? 123.98 119.90 4.08   0.50 N 
6  1 "C3'" A DC 1  ? ? "O3'" A DC 1  ? ? P     A DG 2  ? ? 129.17 119.70 9.47   1.20 Y 
7  1 "O5'" A DG 2  ? ? P     A DG 2  ? ? OP2   A DG 2  ? ? 99.44  105.70 -6.26  0.90 N 
8  1 "O4'" A DG 2  ? ? "C4'" A DG 2  ? ? "C3'" A DG 2  ? ? 101.73 104.50 -2.77  0.40 N 
9  1 "C5'" A DG 2  ? ? "C4'" A DG 2  ? ? "C3'" A DG 2  ? ? 126.62 115.70 10.92  1.20 N 
10 1 "C1'" A DG 2  ? ? "O4'" A DG 2  ? ? "C4'" A DG 2  ? ? 101.54 110.10 -8.56  1.00 N 
11 1 N1    A DG 2  ? ? C2    A DG 2  ? ? N3    A DG 2  ? ? 129.03 123.90 5.13   0.60 N 
12 1 C2    A DG 2  ? ? N3    A DG 2  ? ? C4    A DG 2  ? ? 106.83 111.90 -5.07  0.50 N 
13 1 N3    A DG 2  ? ? C4    A DG 2  ? ? C5    A DG 2  ? ? 124.84 128.60 -3.76  0.50 N 
14 1 N1    A DG 2  ? ? C2    A DG 2  ? ? N2    A DG 2  ? ? 104.18 116.20 -12.02 0.90 N 
15 1 N3    A DG 2  ? ? C2    A DG 2  ? ? N2    A DG 2  ? ? 126.37 119.90 6.47   0.70 N 
16 1 P     A DC 3  ? ? "O5'" A DC 3  ? ? "C5'" A DC 3  ? ? 137.42 120.90 16.52  1.60 N 
17 1 "C4'" A DC 3  ? ? "C3'" A DC 3  ? ? "C2'" A DC 3  ? ? 92.25  102.20 -9.95  0.70 N 
18 1 "C3'" A DC 3  ? ? "C2'" A DC 3  ? ? "C1'" A DC 3  ? ? 111.15 102.50 8.65   1.20 N 
19 1 "O4'" A DC 3  ? ? "C1'" A DC 3  ? ? "C2'" A DC 3  ? ? 98.38  105.90 -7.52  0.80 N 
20 1 "O4'" A DC 3  ? ? "C1'" A DC 3  ? ? N1    A DC 3  ? ? 102.67 108.00 -5.33  0.70 N 
21 1 C6    A DC 3  ? ? N1    A DC 3  ? ? C2    A DC 3  ? ? 126.35 120.30 6.05   0.40 N 
22 1 N1    A DC 3  ? ? C2    A DC 3  ? ? N3    A DC 3  ? ? 112.30 119.20 -6.90  0.70 N 
23 1 N3    A DC 3  ? ? C2    A DC 3  ? ? O2    A DC 3  ? ? 128.39 121.90 6.49   0.70 N 
24 1 N3    A DC 3  ? ? C4    A DC 3  ? ? N4    A DC 3  ? ? 123.54 118.00 5.54   0.70 N 
25 1 C5    A DC 3  ? ? C4    A DC 3  ? ? N4    A DC 3  ? ? 113.01 120.20 -7.19  0.70 N 
26 1 P     A DG 4  ? ? "O5'" A DG 4  ? ? "C5'" A DG 4  ? ? 135.00 120.90 14.10  1.60 N 
27 1 "C5'" A DG 4  ? ? "C4'" A DG 4  ? ? "C3'" A DG 4  ? ? 125.56 115.70 9.86   1.20 N 
28 1 C5    A DG 4  ? ? C6    A DG 4  ? ? N1    A DG 4  ? ? 115.43 111.50 3.93   0.50 N 
29 1 C4    A DG 4  ? ? C5    A DG 4  ? ? N7    A DG 4  ? ? 114.08 110.80 3.28   0.40 N 
30 1 N9    A DG 4  ? ? C4    A DG 4  ? ? C5    A DG 4  ? ? 102.10 105.40 -3.30  0.40 N 
31 1 "O3'" A DG 4  ? ? P     A DC 5  ? ? OP1   A DC 5  ? ? 118.54 110.50 8.04   1.10 Y 
32 1 "O5'" A DC 5  ? ? P     A DC 5  ? ? OP2   A DC 5  ? ? 97.38  105.70 -8.32  0.90 N 
33 1 "O4'" A DC 5  ? ? "C4'" A DC 5  ? ? "C3'" A DC 5  ? ? 111.74 106.00 5.74   0.60 N 
34 1 "C4'" A DC 5  ? ? "C3'" A DC 5  ? ? "C2'" A DC 5  ? ? 96.45  102.20 -5.75  0.70 N 
35 1 "O4'" A DC 5  ? ? "C1'" A DC 5  ? ? N1    A DC 5  ? ? 102.88 108.00 -5.12  0.70 N 
36 1 "O5'" A DG 6  ? ? "C5'" A DG 6  ? ? "C4'" A DG 6  ? ? 101.13 109.40 -8.27  0.80 N 
37 1 P     A DG 6  ? ? "O5'" A DG 6  ? ? "C5'" A DG 6  ? ? 131.50 120.90 10.60  1.60 N 
38 1 "O4'" A DG 6  ? ? "C4'" A DG 6  ? ? "C3'" A DG 6  ? ? 99.24  104.50 -5.26  0.40 N 
39 1 "C5'" A DG 6  ? ? "C4'" A DG 6  ? ? "O4'" A DG 6  ? ? 118.45 109.80 8.65   1.10 N 
40 1 "C4'" A DG 6  ? ? "C3'" A DG 6  ? ? "C2'" A DG 6  ? ? 112.06 103.10 8.96   0.90 N 
41 1 N1    A DG 6  ? ? C2    A DG 6  ? ? N3    A DG 6  ? ? 118.36 123.90 -5.54  0.60 N 
42 1 C2    A DG 6  ? ? N3    A DG 6  ? ? C4    A DG 6  ? ? 116.07 111.90 4.17   0.50 N 
43 1 C4    A DG 6  ? ? C5    A DG 6  ? ? N7    A DG 6  ? ? 108.39 110.80 -2.41  0.40 N 
44 1 N1    A DG 6  ? ? C6    A DG 6  ? ? O6    A DG 6  ? ? 115.74 119.90 -4.16  0.60 N 
45 1 C5    A DG 6  ? ? C6    A DG 6  ? ? O6    A DG 6  ? ? 132.22 128.60 3.62   0.60 N 
46 1 "O4'" B DC 7  ? ? "C4'" B DC 7  ? ? "C3'" B DC 7  ? ? 111.75 106.00 5.75   0.60 N 
47 1 "C5'" B DC 7  ? ? "C4'" B DC 7  ? ? "O4'" B DC 7  ? ? 90.44  109.30 -18.86 1.90 N 
48 1 "C4'" B DC 7  ? ? "C3'" B DC 7  ? ? "C2'" B DC 7  ? ? 97.16  102.20 -5.04  0.70 N 
49 1 C6    B DC 7  ? ? N1    B DC 7  ? ? C2    B DC 7  ? ? 117.47 120.30 -2.83  0.40 N 
50 1 C2    B DC 7  ? ? N3    B DC 7  ? ? C4    B DC 7  ? ? 124.87 119.90 4.97   0.50 N 
51 1 N3    B DC 7  ? ? C4    B DC 7  ? ? C5    B DC 7  ? ? 116.46 121.90 -5.44  0.40 N 
52 1 N1    B DC 7  ? ? C2    B DC 7  ? ? O2    B DC 7  ? ? 123.67 118.90 4.77   0.60 N 
53 1 N3    B DC 7  ? ? C2    B DC 7  ? ? O2    B DC 7  ? ? 115.79 121.90 -6.11  0.70 N 
54 1 C5    B DC 7  ? ? C4    B DC 7  ? ? N4    B DC 7  ? ? 128.75 120.20 8.55   0.70 N 
55 1 "C3'" B DC 7  ? ? "O3'" B DC 7  ? ? P     B DG 8  ? ? 135.10 119.70 15.40  1.20 Y 
56 1 "C1'" B DG 8  ? ? "O4'" B DG 8  ? ? "C4'" B DG 8  ? ? 114.68 110.30 4.38   0.70 N 
57 1 "C4'" B DG 8  ? ? "C3'" B DG 8  ? ? "C2'" B DG 8  ? ? 97.03  102.20 -5.17  0.70 N 
58 1 "O4'" B DG 8  ? ? "C1'" B DG 8  ? ? N9    B DG 8  ? ? 100.71 108.00 -7.29  0.70 N 
59 1 C8    B DG 8  ? ? N9    B DG 8  ? ? C4    B DG 8  ? ? 102.78 106.40 -3.62  0.40 N 
60 1 N9    B DG 8  ? ? C4    B DG 8  ? ? C5    B DG 8  ? ? 107.98 105.40 2.58   0.40 N 
61 1 N1    B DG 8  ? ? C2    B DG 8  ? ? N2    B DG 8  ? ? 122.64 116.20 6.44   0.90 N 
62 1 "C3'" B DG 8  ? ? "O3'" B DG 8  ? ? P     B DC 9  ? ? 128.75 119.70 9.05   1.20 Y 
63 1 "C5'" B DC 9  ? ? "C4'" B DC 9  ? ? "C3'" B DC 9  ? ? 124.96 115.70 9.26   1.20 N 
64 1 "C5'" B DC 9  ? ? "C4'" B DC 9  ? ? "O4'" B DC 9  ? ? 97.79  109.30 -11.51 1.90 N 
65 1 "C4'" B DC 9  ? ? "C3'" B DC 9  ? ? "O3'" B DC 9  ? ? 127.28 112.30 14.98  2.00 N 
66 1 "O4'" B DC 9  ? ? "C1'" B DC 9  ? ? "C2'" B DC 9  ? ? 110.95 106.80 4.15   0.50 N 
67 1 N1    B DC 9  ? ? C2    B DC 9  ? ? N3    B DC 9  ? ? 111.46 119.20 -7.74  0.70 N 
68 1 C2    B DC 9  ? ? N3    B DC 9  ? ? C4    B DC 9  ? ? 125.69 119.90 5.79   0.50 N 
69 1 N3    B DC 9  ? ? C2    B DC 9  ? ? O2    B DC 9  ? ? 127.01 121.90 5.11   0.70 N 
70 1 P     B DG 10 ? ? "O5'" B DG 10 ? ? "C5'" B DG 10 ? ? 105.57 120.90 -15.33 1.60 N 
71 1 "O4'" B DG 10 ? ? "C1'" B DG 10 ? ? N9    B DG 10 ? ? 101.72 108.00 -6.28  0.70 N 
72 1 C5    B DG 10 ? ? N7    B DG 10 ? ? C8    B DG 10 ? ? 100.98 104.30 -3.32  0.50 N 
73 1 "C3'" B DG 10 ? ? "O3'" B DG 10 ? ? P     B DC 11 ? ? 130.55 119.70 10.85  1.20 Y 
74 1 "O3'" B DG 10 ? ? P     B DC 11 ? ? "O5'" B DC 11 ? ? 75.87  104.00 -28.13 1.90 Y 
75 1 "O5'" B DC 11 ? ? P     B DC 11 ? ? OP1   B DC 11 ? ? 121.18 110.70 10.48  1.20 N 
76 1 "O4'" B DC 11 ? ? "C4'" B DC 11 ? ? "C3'" B DC 11 ? ? 113.38 106.00 7.38   0.60 N 
77 1 "C4'" B DC 11 ? ? "C3'" B DC 11 ? ? "C2'" B DC 11 ? ? 91.60  102.20 -10.60 0.70 N 
78 1 "O4'" B DC 11 ? ? "C1'" B DC 11 ? ? "C2'" B DC 11 ? ? 100.52 105.90 -5.38  0.80 N 
79 1 "O4'" B DC 11 ? ? "C1'" B DC 11 ? ? N1    B DC 11 ? ? 112.84 108.30 4.54   0.30 N 
80 1 C6    B DC 11 ? ? N1    B DC 11 ? ? C2    B DC 11 ? ? 117.08 120.30 -3.22  0.40 N 
81 1 N1    B DC 11 ? ? C2    B DC 11 ? ? O2    B DC 11 ? ? 124.92 118.90 6.02   0.60 N 
82 1 N3    B DC 11 ? ? C2    B DC 11 ? ? O2    B DC 11 ? ? 114.40 121.90 -7.50  0.70 N 
83 1 "C3'" B DC 11 ? ? "O3'" B DC 11 ? ? P     B DG 12 ? ? 131.61 119.70 11.91  1.20 Y 
84 1 "O4'" B DG 12 ? ? "C4'" B DG 12 ? ? "C3'" B DG 12 ? ? 94.96  104.50 -9.54  0.40 N 
85 1 "C5'" B DG 12 ? ? "C4'" B DG 12 ? ? "O4'" B DG 12 ? ? 119.11 109.80 9.31   1.10 N 
86 1 "C4'" B DG 12 ? ? "C3'" B DG 12 ? ? "C2'" B DG 12 ? ? 112.53 103.10 9.43   0.90 N 
87 1 "O4'" B DG 12 ? ? "C1'" B DG 12 ? ? N9    B DG 12 ? ? 113.04 108.30 4.74   0.30 N 
88 1 C8    B DG 12 ? ? N9    B DG 12 ? ? C4    B DG 12 ? ? 102.80 106.40 -3.60  0.40 N 
89 1 N1    B DG 12 ? ? C2    B DG 12 ? ? N2    B DG 12 ? ? 123.43 116.20 7.23   0.90 N 
90 1 N3    B DG 12 ? ? C2    B DG 12 ? ? N2    B DG 12 ? ? 111.33 119.90 -8.57  0.70 N 
91 1 N1    B DG 12 ? ? C6    B DG 12 ? ? O6    B DG 12 ? ? 125.24 119.90 5.34   0.60 N 
# 
loop_
_pdbx_validate_planes.id 
_pdbx_validate_planes.PDB_model_num 
_pdbx_validate_planes.auth_comp_id 
_pdbx_validate_planes.auth_asym_id 
_pdbx_validate_planes.auth_seq_id 
_pdbx_validate_planes.PDB_ins_code 
_pdbx_validate_planes.label_alt_id 
_pdbx_validate_planes.rmsd 
_pdbx_validate_planes.type 
1 1 DG A 2  ? ? 0.160 'SIDE CHAIN' 
2 1 DG A 4  ? ? 0.069 'SIDE CHAIN' 
3 1 DG A 6  ? ? 0.092 'SIDE CHAIN' 
4 1 DC B 7  ? ? 0.070 'SIDE CHAIN' 
5 1 DG B 8  ? ? 0.110 'SIDE CHAIN' 
6 1 DC B 9  ? ? 0.090 'SIDE CHAIN' 
7 1 DG B 10 ? ? 0.147 'SIDE CHAIN' 
8 1 DG B 12 ? ? 0.077 'SIDE CHAIN' 
# 
loop_
_chem_comp_atom.comp_id 
_chem_comp_atom.atom_id 
_chem_comp_atom.type_symbol 
_chem_comp_atom.pdbx_aromatic_flag 
_chem_comp_atom.pdbx_stereo_config 
_chem_comp_atom.pdbx_ordinal 
DC  OP3    O N N 1   
DC  P      P N N 2   
DC  OP1    O N N 3   
DC  OP2    O N N 4   
DC  "O5'"  O N N 5   
DC  "C5'"  C N N 6   
DC  "C4'"  C N R 7   
DC  "O4'"  O N N 8   
DC  "C3'"  C N S 9   
DC  "O3'"  O N N 10  
DC  "C2'"  C N N 11  
DC  "C1'"  C N R 12  
DC  N1     N N N 13  
DC  C2     C N N 14  
DC  O2     O N N 15  
DC  N3     N N N 16  
DC  C4     C N N 17  
DC  N4     N N N 18  
DC  C5     C N N 19  
DC  C6     C N N 20  
DC  HOP3   H N N 21  
DC  HOP2   H N N 22  
DC  "H5'"  H N N 23  
DC  "H5''" H N N 24  
DC  "H4'"  H N N 25  
DC  "H3'"  H N N 26  
DC  "HO3'" H N N 27  
DC  "H2'"  H N N 28  
DC  "H2''" H N N 29  
DC  "H1'"  H N N 30  
DC  H41    H N N 31  
DC  H42    H N N 32  
DC  H5     H N N 33  
DC  H6     H N N 34  
DG  OP3    O N N 35  
DG  P      P N N 36  
DG  OP1    O N N 37  
DG  OP2    O N N 38  
DG  "O5'"  O N N 39  
DG  "C5'"  C N N 40  
DG  "C4'"  C N R 41  
DG  "O4'"  O N N 42  
DG  "C3'"  C N S 43  
DG  "O3'"  O N N 44  
DG  "C2'"  C N N 45  
DG  "C1'"  C N R 46  
DG  N9     N Y N 47  
DG  C8     C Y N 48  
DG  N7     N Y N 49  
DG  C5     C Y N 50  
DG  C6     C N N 51  
DG  O6     O N N 52  
DG  N1     N N N 53  
DG  C2     C N N 54  
DG  N2     N N N 55  
DG  N3     N N N 56  
DG  C4     C Y N 57  
DG  HOP3   H N N 58  
DG  HOP2   H N N 59  
DG  "H5'"  H N N 60  
DG  "H5''" H N N 61  
DG  "H4'"  H N N 62  
DG  "H3'"  H N N 63  
DG  "HO3'" H N N 64  
DG  "H2'"  H N N 65  
DG  "H2''" H N N 66  
DG  "H1'"  H N N 67  
DG  H8     H N N 68  
DG  H1     H N N 69  
DG  H21    H N N 70  
DG  H22    H N N 71  
HOH O      O N N 72  
HOH H1     H N N 73  
HOH H2     H N N 74  
PAW N1     N N N 75  
PAW C2     C N N 76  
PAW C3     C N N 77  
PAW C5     C N N 78  
PAW C6     C N N 79  
PAW N4     N N N 80  
PAW N7     N N N 81  
PAW C8     C N N 82  
PAW C9     C N N 83  
PAW N10    N N N 84  
PAW C11    C N N 85  
PAW C12    C N N 86  
PAW N13    N N N 87  
PAW HN11   H N N 88  
PAW HN12   H N N 89  
PAW H21    H N N 90  
PAW H22    H N N 91  
PAW H31    H N N 92  
PAW H32    H N N 93  
PAW H51    H N N 94  
PAW H52    H N N 95  
PAW H61    H N N 96  
PAW H62    H N N 97  
PAW HN4    H N N 98  
PAW HN7    H N N 99  
PAW H81    H N N 100 
PAW H82    H N N 101 
PAW H91    H N N 102 
PAW H92    H N N 103 
PAW HN10   H N N 104 
PAW H111   H N N 105 
PAW H112   H N N 106 
PAW H121   H N N 107 
PAW H122   H N N 108 
PAW H131   H N N 109 
PAW H132   H N N 110 
# 
loop_
_chem_comp_bond.comp_id 
_chem_comp_bond.atom_id_1 
_chem_comp_bond.atom_id_2 
_chem_comp_bond.value_order 
_chem_comp_bond.pdbx_aromatic_flag 
_chem_comp_bond.pdbx_stereo_config 
_chem_comp_bond.pdbx_ordinal 
DC  OP3   P      sing N N 1   
DC  OP3   HOP3   sing N N 2   
DC  P     OP1    doub N N 3   
DC  P     OP2    sing N N 4   
DC  P     "O5'"  sing N N 5   
DC  OP2   HOP2   sing N N 6   
DC  "O5'" "C5'"  sing N N 7   
DC  "C5'" "C4'"  sing N N 8   
DC  "C5'" "H5'"  sing N N 9   
DC  "C5'" "H5''" sing N N 10  
DC  "C4'" "O4'"  sing N N 11  
DC  "C4'" "C3'"  sing N N 12  
DC  "C4'" "H4'"  sing N N 13  
DC  "O4'" "C1'"  sing N N 14  
DC  "C3'" "O3'"  sing N N 15  
DC  "C3'" "C2'"  sing N N 16  
DC  "C3'" "H3'"  sing N N 17  
DC  "O3'" "HO3'" sing N N 18  
DC  "C2'" "C1'"  sing N N 19  
DC  "C2'" "H2'"  sing N N 20  
DC  "C2'" "H2''" sing N N 21  
DC  "C1'" N1     sing N N 22  
DC  "C1'" "H1'"  sing N N 23  
DC  N1    C2     sing N N 24  
DC  N1    C6     sing N N 25  
DC  C2    O2     doub N N 26  
DC  C2    N3     sing N N 27  
DC  N3    C4     doub N N 28  
DC  C4    N4     sing N N 29  
DC  C4    C5     sing N N 30  
DC  N4    H41    sing N N 31  
DC  N4    H42    sing N N 32  
DC  C5    C6     doub N N 33  
DC  C5    H5     sing N N 34  
DC  C6    H6     sing N N 35  
DG  OP3   P      sing N N 36  
DG  OP3   HOP3   sing N N 37  
DG  P     OP1    doub N N 38  
DG  P     OP2    sing N N 39  
DG  P     "O5'"  sing N N 40  
DG  OP2   HOP2   sing N N 41  
DG  "O5'" "C5'"  sing N N 42  
DG  "C5'" "C4'"  sing N N 43  
DG  "C5'" "H5'"  sing N N 44  
DG  "C5'" "H5''" sing N N 45  
DG  "C4'" "O4'"  sing N N 46  
DG  "C4'" "C3'"  sing N N 47  
DG  "C4'" "H4'"  sing N N 48  
DG  "O4'" "C1'"  sing N N 49  
DG  "C3'" "O3'"  sing N N 50  
DG  "C3'" "C2'"  sing N N 51  
DG  "C3'" "H3'"  sing N N 52  
DG  "O3'" "HO3'" sing N N 53  
DG  "C2'" "C1'"  sing N N 54  
DG  "C2'" "H2'"  sing N N 55  
DG  "C2'" "H2''" sing N N 56  
DG  "C1'" N9     sing N N 57  
DG  "C1'" "H1'"  sing N N 58  
DG  N9    C8     sing Y N 59  
DG  N9    C4     sing Y N 60  
DG  C8    N7     doub Y N 61  
DG  C8    H8     sing N N 62  
DG  N7    C5     sing Y N 63  
DG  C5    C6     sing N N 64  
DG  C5    C4     doub Y N 65  
DG  C6    O6     doub N N 66  
DG  C6    N1     sing N N 67  
DG  N1    C2     sing N N 68  
DG  N1    H1     sing N N 69  
DG  C2    N2     sing N N 70  
DG  C2    N3     doub N N 71  
DG  N2    H21    sing N N 72  
DG  N2    H22    sing N N 73  
DG  N3    C4     sing N N 74  
HOH O     H1     sing N N 75  
HOH O     H2     sing N N 76  
PAW N1    C2     sing N N 77  
PAW N1    HN11   sing N N 78  
PAW N1    HN12   sing N N 79  
PAW C2    C3     sing N N 80  
PAW C2    H21    sing N N 81  
PAW C2    H22    sing N N 82  
PAW C3    N4     sing N N 83  
PAW C3    H31    sing N N 84  
PAW C3    H32    sing N N 85  
PAW C5    N4     sing N N 86  
PAW C5    C6     sing N N 87  
PAW C5    H51    sing N N 88  
PAW C5    H52    sing N N 89  
PAW C6    N7     sing N N 90  
PAW C6    H61    sing N N 91  
PAW C6    H62    sing N N 92  
PAW N4    HN4    sing N N 93  
PAW N7    C8     sing N N 94  
PAW N7    HN7    sing N N 95  
PAW C8    C9     sing N N 96  
PAW C8    H81    sing N N 97  
PAW C8    H82    sing N N 98  
PAW C9    N10    sing N N 99  
PAW C9    H91    sing N N 100 
PAW C9    H92    sing N N 101 
PAW N10   C11    sing N N 102 
PAW N10   HN10   sing N N 103 
PAW C11   C12    sing N N 104 
PAW C11   H111   sing N N 105 
PAW C11   H112   sing N N 106 
PAW C12   N13    sing N N 107 
PAW C12   H121   sing N N 108 
PAW C12   H122   sing N N 109 
PAW N13   H131   sing N N 110 
PAW N13   H132   sing N N 111 
# 
_ndb_struct_conf_na.entry_id   2IE1 
_ndb_struct_conf_na.feature    'z-form double helix' 
# 
loop_
_ndb_struct_na_base_pair.model_number 
_ndb_struct_na_base_pair.i_label_asym_id 
_ndb_struct_na_base_pair.i_label_comp_id 
_ndb_struct_na_base_pair.i_label_seq_id 
_ndb_struct_na_base_pair.i_symmetry 
_ndb_struct_na_base_pair.j_label_asym_id 
_ndb_struct_na_base_pair.j_label_comp_id 
_ndb_struct_na_base_pair.j_label_seq_id 
_ndb_struct_na_base_pair.j_symmetry 
_ndb_struct_na_base_pair.shear 
_ndb_struct_na_base_pair.stretch 
_ndb_struct_na_base_pair.stagger 
_ndb_struct_na_base_pair.buckle 
_ndb_struct_na_base_pair.propeller 
_ndb_struct_na_base_pair.opening 
_ndb_struct_na_base_pair.pair_number 
_ndb_struct_na_base_pair.pair_name 
_ndb_struct_na_base_pair.i_auth_asym_id 
_ndb_struct_na_base_pair.i_auth_seq_id 
_ndb_struct_na_base_pair.i_PDB_ins_code 
_ndb_struct_na_base_pair.j_auth_asym_id 
_ndb_struct_na_base_pair.j_auth_seq_id 
_ndb_struct_na_base_pair.j_PDB_ins_code 
_ndb_struct_na_base_pair.hbond_type_28 
_ndb_struct_na_base_pair.hbond_type_12 
1 A DC 1 1_555 B DG 6 1_555 -0.424 -0.322 0.400  3.134  0.206  -2.839 1 A_DC1:DG12_B A 1 ? B 12 ? 19 1 
1 A DG 2 1_555 B DC 5 1_555 0.032  -0.080 -0.119 -0.222 -4.810 -3.401 2 A_DG2:DC11_B A 2 ? B 11 ? 19 1 
1 A DC 3 1_555 B DG 4 1_555 -0.343 -0.318 0.060  6.660  7.134  -8.324 3 A_DC3:DG10_B A 3 ? B 10 ? 19 1 
1 A DG 4 1_555 B DC 3 1_555 0.446  -0.334 -0.100 -3.396 3.008  5.990  4 A_DG4:DC9_B  A 4 ? B 9  ? 19 1 
1 A DC 5 1_555 B DG 2 1_555 0.051  -0.265 -0.020 -4.927 -8.495 6.118  5 A_DC5:DG8_B  A 5 ? B 8  ? 19 1 
1 A DG 6 1_555 B DC 1 1_555 0.378  -0.164 0.325  5.467  3.526  -0.137 6 A_DG6:DC7_B  A 6 ? B 7  ? 19 1 
# 
loop_
_ndb_struct_na_base_pair_step.model_number 
_ndb_struct_na_base_pair_step.i_label_asym_id_1 
_ndb_struct_na_base_pair_step.i_label_comp_id_1 
_ndb_struct_na_base_pair_step.i_label_seq_id_1 
_ndb_struct_na_base_pair_step.i_symmetry_1 
_ndb_struct_na_base_pair_step.j_label_asym_id_1 
_ndb_struct_na_base_pair_step.j_label_comp_id_1 
_ndb_struct_na_base_pair_step.j_label_seq_id_1 
_ndb_struct_na_base_pair_step.j_symmetry_1 
_ndb_struct_na_base_pair_step.i_label_asym_id_2 
_ndb_struct_na_base_pair_step.i_label_comp_id_2 
_ndb_struct_na_base_pair_step.i_label_seq_id_2 
_ndb_struct_na_base_pair_step.i_symmetry_2 
_ndb_struct_na_base_pair_step.j_label_asym_id_2 
_ndb_struct_na_base_pair_step.j_label_comp_id_2 
_ndb_struct_na_base_pair_step.j_label_seq_id_2 
_ndb_struct_na_base_pair_step.j_symmetry_2 
_ndb_struct_na_base_pair_step.shift 
_ndb_struct_na_base_pair_step.slide 
_ndb_struct_na_base_pair_step.rise 
_ndb_struct_na_base_pair_step.tilt 
_ndb_struct_na_base_pair_step.roll 
_ndb_struct_na_base_pair_step.twist 
_ndb_struct_na_base_pair_step.x_displacement 
_ndb_struct_na_base_pair_step.y_displacement 
_ndb_struct_na_base_pair_step.helical_rise 
_ndb_struct_na_base_pair_step.inclination 
_ndb_struct_na_base_pair_step.tip 
_ndb_struct_na_base_pair_step.helical_twist 
_ndb_struct_na_base_pair_step.step_number 
_ndb_struct_na_base_pair_step.step_name 
_ndb_struct_na_base_pair_step.i_auth_asym_id_1 
_ndb_struct_na_base_pair_step.i_auth_seq_id_1 
_ndb_struct_na_base_pair_step.i_PDB_ins_code_1 
_ndb_struct_na_base_pair_step.j_auth_asym_id_1 
_ndb_struct_na_base_pair_step.j_auth_seq_id_1 
_ndb_struct_na_base_pair_step.j_PDB_ins_code_1 
_ndb_struct_na_base_pair_step.i_auth_asym_id_2 
_ndb_struct_na_base_pair_step.i_auth_seq_id_2 
_ndb_struct_na_base_pair_step.i_PDB_ins_code_2 
_ndb_struct_na_base_pair_step.j_auth_asym_id_2 
_ndb_struct_na_base_pair_step.j_auth_seq_id_2 
_ndb_struct_na_base_pair_step.j_PDB_ins_code_2 
1 A DC 1 1_555 B DG 6 1_555 A DG 2 1_555 B DC 5 1_555 0.161  5.157  3.598 4.201  -8.304 -5.749  -2.692  13.174 5.744 52.075 26.345 
-10.935 1 AA_DC1DG2:DC11DG12_BB A 1 ? B 12 ? A 2 ? B 11 ? 
1 A DG 2 1_555 B DC 5 1_555 A DC 3 1_555 B DG 4 1_555 0.010  -0.563 3.250 -4.090 -2.000 -49.930 0.807   -0.280 3.218 2.364  -4.833 
-50.123 2 AA_DG2DC3:DG10DC11_BB A 2 ? B 11 ? A 3 ? B 10 ? 
1 A DC 3 1_555 B DG 4 1_555 A DG 4 1_555 B DC 3 1_555 0.378  5.096  3.649 1.633  -1.645 -7.082  -32.115 9.951  4.509 12.869 12.780 
-7.452  3 AA_DC3DG4:DC9DG10_BB  A 3 ? B 10 ? A 4 ? B 9  ? 
1 A DG 4 1_555 B DC 3 1_555 A DC 5 1_555 B DG 2 1_555 -0.157 -0.898 3.534 0.089  -2.934 -50.253 1.281   -0.177 3.480 3.451  0.105  
-50.333 4 AA_DG4DC5:DG8DC9_BB   A 4 ? B 9  ? A 5 ? B 8  ? 
1 A DC 5 1_555 B DG 2 1_555 A DG 6 1_555 B DC 1 1_555 -0.382 5.576  3.056 -2.192 -4.670 -11.978 -18.176 -4.678 4.734 21.142 -9.924 
-13.038 5 AA_DC5DG6:DC7DG8_BB   A 5 ? B 8  ? A 6 ? B 7  ? 
# 
loop_
_pdbx_entity_nonpoly.entity_id 
_pdbx_entity_nonpoly.name 
_pdbx_entity_nonpoly.comp_id 
2 "N-(2-AMINOETHYL)-N'-{2-[(2-AMINOETHYL)AMINO]ETHYL}ETHANE-1,2-DIAMINE" PAW 
3 water                                                                  HOH 
# 
_pdbx_initial_refinement_model.id               1 
_pdbx_initial_refinement_model.entity_id_list   ? 
_pdbx_initial_refinement_model.type             'experimental model' 
_pdbx_initial_refinement_model.source_name      PDB 
_pdbx_initial_refinement_model.accession_code   1DJ6 
_pdbx_initial_refinement_model.details          '1dj6 in PDB' 
# 
